data_8VRX
#
_entry.id   8VRX
#
_cell.length_a   167.787
_cell.length_b   44.071
_cell.length_c   86.592
_cell.angle_alpha   90.00
_cell.angle_beta   111.07
_cell.angle_gamma   90.00
#
_symmetry.space_group_name_H-M   'C 1 2 1'
#
loop_
_entity.id
_entity.type
_entity.pdbx_description
1 polymer 'Bile Salt Hydrolase'
2 non-polymer 'MAGNESIUM ION'
3 non-polymer 1,2-ETHANEDIOL
4 non-polymer 2-AMINO-2-HYDROXYMETHYL-PROPANE-1,3-DIOL
5 non-polymer DI(HYDROXYETHYL)ETHER
6 non-polymer GLYCEROL
7 water water
#
_entity_poly.entity_id   1
_entity_poly.type   'polypeptide(L)'
_entity_poly.pdbx_seq_one_letter_code
;CTGIRYSDGSGNLYLARNLDWTSDFGERVVVTPTGYTTKSPFGAVPAIRHAVIGMGIVQEDTPLYFDCGNDAGLAVAGLN
FPGYAQYATEAVDGATNVAAFEFPLWVASQFASVDEVEAALADVVIVDRPINDKYPSSLLHWIIGDSKRAIVVEYTSDGL
HVFDDDVDVLANQPGFGWHHENLRNYLNASPDFPEKIVLNRADLVPFGSGSLMRGIPGDYYSPSRFVRAAYVHAHYPGKS
TEEENVSRAFHTLQQVAMVDGSAAMGSGEFEKTTYTGLFSSRTMTYYWNTYEDPAVRSVAMADHAADGTELVVVLEHHHH
HH
;
_entity_poly.pdbx_strand_id   A,B
#
loop_
_chem_comp.id
_chem_comp.type
_chem_comp.name
_chem_comp.formula
EDO non-polymer 1,2-ETHANEDIOL 'C2 H6 O2'
GOL non-polymer GLYCEROL 'C3 H8 O3'
MG non-polymer 'MAGNESIUM ION' 'Mg 2'
PEG non-polymer DI(HYDROXYETHYL)ETHER 'C4 H10 O3'
TRS non-polymer 2-AMINO-2-HYDROXYMETHYL-PROPANE-1,3-DIOL 'C4 H12 N O3 1'
#
# COMPACT_ATOMS: atom_id res chain seq x y z
N CYS A 1 5.01 13.26 -0.35
CA CYS A 1 6.03 12.52 -1.08
C CYS A 1 6.93 11.71 -0.16
N THR A 2 7.30 10.51 -0.61
CA THR A 2 8.29 9.68 0.05
C THR A 2 9.13 9.01 -1.02
N GLY A 3 10.44 8.94 -0.79
CA GLY A 3 11.35 8.39 -1.78
C GLY A 3 12.33 7.43 -1.14
N ILE A 4 12.81 6.48 -1.97
CA ILE A 4 13.72 5.44 -1.52
C ILE A 4 14.80 5.22 -2.55
N ARG A 5 15.96 4.75 -2.09
CA ARG A 5 17.06 4.33 -2.96
C ARG A 5 17.59 3.00 -2.47
N TYR A 6 17.84 2.08 -3.41
CA TYR A 6 18.43 0.79 -3.07
C TYR A 6 19.15 0.24 -4.29
N SER A 7 19.85 -0.87 -4.08
CA SER A 7 20.53 -1.57 -5.16
C SER A 7 20.25 -3.06 -5.03
N ASP A 8 20.75 -3.82 -6.00
CA ASP A 8 20.56 -5.26 -6.05
C ASP A 8 21.83 -6.03 -5.69
N GLY A 9 22.85 -5.35 -5.16
CA GLY A 9 24.11 -5.98 -4.88
C GLY A 9 25.00 -6.23 -6.08
N SER A 10 24.53 -5.91 -7.29
CA SER A 10 25.29 -6.13 -8.51
C SER A 10 25.50 -4.84 -9.29
N GLY A 11 25.48 -3.71 -8.59
CA GLY A 11 25.78 -2.42 -9.20
C GLY A 11 24.62 -1.73 -9.87
N ASN A 12 23.40 -2.22 -9.70
CA ASN A 12 22.24 -1.61 -10.34
C ASN A 12 21.49 -0.73 -9.34
N LEU A 13 21.04 0.42 -9.82
CA LEU A 13 20.39 1.42 -8.99
C LEU A 13 18.88 1.35 -9.14
N TYR A 14 18.17 1.46 -8.02
CA TYR A 14 16.72 1.62 -8.02
C TYR A 14 16.38 2.83 -7.17
N LEU A 15 15.67 3.80 -7.74
CA LEU A 15 15.25 4.97 -7.01
C LEU A 15 13.79 5.24 -7.34
N ALA A 16 12.96 5.36 -6.31
CA ALA A 16 11.52 5.39 -6.49
C ALA A 16 10.90 6.39 -5.51
N ARG A 17 9.75 6.94 -5.89
CA ARG A 17 9.06 7.89 -5.03
C ARG A 17 7.56 7.81 -5.22
N ASN A 18 6.83 8.16 -4.16
CA ASN A 18 5.43 8.54 -4.26
C ASN A 18 5.37 10.05 -4.51
N LEU A 19 4.44 10.45 -5.37
CA LEU A 19 4.07 11.86 -5.50
C LEU A 19 2.72 12.00 -4.81
N ASP A 20 2.70 12.75 -3.71
CA ASP A 20 1.50 12.97 -2.93
C ASP A 20 0.99 14.38 -3.19
N TRP A 21 -0.29 14.50 -3.56
CA TRP A 21 -0.87 15.77 -3.93
C TRP A 21 -2.38 15.66 -3.84
N THR A 22 -3.04 16.82 -3.85
CA THR A 22 -4.48 16.87 -3.68
C THR A 22 -5.26 16.74 -4.98
N SER A 23 -4.59 16.78 -6.13
CA SER A 23 -5.27 16.68 -7.40
C SER A 23 -4.30 16.14 -8.45
N ASP A 24 -4.77 16.07 -9.69
CA ASP A 24 -3.95 15.61 -10.80
C ASP A 24 -2.73 16.50 -10.97
N PHE A 25 -1.56 15.89 -11.13
CA PHE A 25 -0.32 16.62 -11.27
C PHE A 25 0.05 16.92 -12.72
N GLY A 26 -0.58 16.26 -13.69
CA GLY A 26 -0.25 16.48 -15.09
C GLY A 26 1.08 15.87 -15.53
N GLU A 27 1.56 14.87 -14.81
CA GLU A 27 2.90 14.35 -15.04
C GLU A 27 2.96 13.53 -16.32
N ARG A 28 4.12 13.59 -16.99
CA ARG A 28 4.39 12.83 -18.20
C ARG A 28 5.80 12.28 -18.12
N VAL A 29 6.05 11.17 -18.82
CA VAL A 29 7.41 10.66 -18.94
C VAL A 29 8.13 11.50 -19.98
N VAL A 30 9.25 12.10 -19.59
CA VAL A 30 10.02 13.01 -20.44
C VAL A 30 11.42 12.45 -20.61
N VAL A 31 11.86 12.33 -21.86
CA VAL A 31 13.22 11.91 -22.18
C VAL A 31 13.99 13.13 -22.67
N THR A 32 15.15 13.38 -22.06
CA THR A 32 16.03 14.47 -22.48
C THR A 32 17.25 13.89 -23.17
N PRO A 33 17.42 14.07 -24.47
CA PRO A 33 18.53 13.43 -25.20
C PRO A 33 19.82 14.25 -25.12
N THR A 34 20.92 13.58 -25.49
CA THR A 34 22.23 14.21 -25.42
C THR A 34 22.39 15.35 -26.43
N GLY A 35 21.63 15.36 -27.51
CA GLY A 35 21.73 16.43 -28.49
C GLY A 35 20.81 17.60 -28.27
N TYR A 36 20.02 17.59 -27.21
CA TYR A 36 19.09 18.67 -26.92
C TYR A 36 19.85 19.95 -26.56
N THR A 37 19.41 21.07 -27.12
CA THR A 37 20.03 22.36 -26.85
C THR A 37 19.47 22.89 -25.53
N THR A 38 20.32 23.01 -24.51
CA THR A 38 19.82 23.35 -23.20
C THR A 38 19.44 24.83 -23.12
N LYS A 39 18.63 25.15 -22.11
CA LYS A 39 18.23 26.52 -21.80
C LYS A 39 18.47 26.70 -20.30
N SER A 40 19.74 26.89 -19.94
CA SER A 40 20.13 26.95 -18.54
C SER A 40 20.33 28.40 -18.14
N PRO A 41 19.53 28.93 -17.20
CA PRO A 41 19.59 30.38 -16.91
C PRO A 41 20.97 30.89 -16.55
N PHE A 42 21.76 30.11 -15.81
CA PHE A 42 23.08 30.56 -15.37
C PHE A 42 24.19 29.64 -15.89
N GLY A 43 23.92 28.87 -16.94
CA GLY A 43 24.93 28.05 -17.53
C GLY A 43 25.33 26.82 -16.74
N ALA A 44 24.56 26.44 -15.72
CA ALA A 44 24.92 25.25 -14.96
C ALA A 44 24.70 23.98 -15.78
N VAL A 45 23.79 24.02 -16.74
CA VAL A 45 23.55 22.89 -17.64
C VAL A 45 23.91 23.31 -19.05
N PRO A 46 25.20 23.33 -19.42
CA PRO A 46 25.57 23.80 -20.77
C PRO A 46 25.27 22.81 -21.87
N ALA A 47 25.13 21.53 -21.55
CA ALA A 47 24.91 20.47 -22.52
C ALA A 47 24.51 19.21 -21.76
N ILE A 48 23.81 18.31 -22.44
CA ILE A 48 23.35 17.07 -21.84
C ILE A 48 24.47 16.04 -21.98
N ARG A 49 25.17 15.75 -20.87
CA ARG A 49 26.23 14.75 -20.91
C ARG A 49 25.68 13.33 -20.83
N HIS A 50 24.57 13.13 -20.13
CA HIS A 50 23.93 11.84 -19.99
C HIS A 50 22.45 12.02 -20.28
N ALA A 51 21.90 11.16 -21.14
CA ALA A 51 20.48 11.22 -21.43
C ALA A 51 19.69 10.93 -20.17
N VAL A 52 18.53 11.58 -20.05
CA VAL A 52 17.73 11.55 -18.83
C VAL A 52 16.33 11.04 -19.16
N ILE A 53 15.76 10.26 -18.25
CA ILE A 53 14.37 9.85 -18.33
C ILE A 53 13.73 9.98 -16.95
N GLY A 54 12.50 10.48 -16.92
CA GLY A 54 11.79 10.59 -15.66
C GLY A 54 10.44 11.23 -15.85
N MET A 55 9.77 11.47 -14.72
N MET A 55 9.78 11.49 -14.72
CA MET A 55 8.46 12.10 -14.72
CA MET A 55 8.46 12.10 -14.70
C MET A 55 8.60 13.61 -14.55
C MET A 55 8.59 13.61 -14.53
N GLY A 56 7.89 14.35 -15.38
CA GLY A 56 7.91 15.80 -15.28
C GLY A 56 6.97 16.41 -16.28
N ILE A 57 7.17 17.71 -16.52
CA ILE A 57 6.46 18.44 -17.56
C ILE A 57 7.48 19.25 -18.36
N VAL A 58 7.07 19.73 -19.51
CA VAL A 58 7.87 20.60 -20.36
C VAL A 58 7.24 21.98 -20.36
N GLN A 59 8.06 22.99 -20.08
CA GLN A 59 7.68 24.39 -20.20
C GLN A 59 8.84 25.14 -20.82
N GLU A 60 8.55 25.99 -21.80
CA GLU A 60 9.58 26.78 -22.49
C GLU A 60 10.68 25.88 -23.04
N ASP A 61 10.27 24.75 -23.62
CA ASP A 61 11.22 23.79 -24.20
C ASP A 61 12.27 23.37 -23.19
N THR A 62 11.85 23.20 -21.93
CA THR A 62 12.75 22.84 -20.84
C THR A 62 12.10 21.73 -20.03
N PRO A 63 12.80 20.62 -19.75
CA PRO A 63 12.22 19.55 -18.94
C PRO A 63 12.25 19.92 -17.47
N LEU A 64 11.07 19.98 -16.85
CA LEU A 64 10.94 20.24 -15.42
C LEU A 64 10.63 18.90 -14.76
N TYR A 65 11.67 18.27 -14.22
CA TYR A 65 11.55 16.91 -13.72
C TYR A 65 11.08 16.91 -12.27
N PHE A 66 10.20 15.97 -11.95
CA PHE A 66 9.88 15.68 -10.56
C PHE A 66 10.84 14.64 -9.99
N ASP A 67 11.23 13.68 -10.82
CA ASP A 67 12.24 12.69 -10.51
C ASP A 67 12.72 12.11 -11.83
N CYS A 68 13.97 11.66 -11.84
CA CYS A 68 14.56 11.19 -13.10
C CYS A 68 15.86 10.45 -12.83
N GLY A 69 16.24 9.60 -13.78
CA GLY A 69 17.53 8.96 -13.77
C GLY A 69 18.19 9.10 -15.12
N ASN A 70 19.50 8.85 -15.17
CA ASN A 70 20.24 9.04 -16.41
C ASN A 70 20.83 7.71 -16.89
N ASP A 71 21.52 7.76 -18.04
CA ASP A 71 22.06 6.57 -18.67
C ASP A 71 23.38 6.12 -18.06
N ALA A 72 23.80 6.73 -16.95
CA ALA A 72 25.04 6.35 -16.27
C ALA A 72 24.79 5.81 -14.86
N GLY A 73 23.53 5.61 -14.48
CA GLY A 73 23.23 5.00 -13.20
C GLY A 73 23.06 5.96 -12.04
N LEU A 74 22.70 7.22 -12.30
CA LEU A 74 22.45 8.20 -11.25
C LEU A 74 21.02 8.71 -11.39
N ALA A 75 20.36 8.94 -10.26
CA ALA A 75 18.97 9.36 -10.27
C ALA A 75 18.72 10.35 -9.15
N VAL A 76 17.60 11.07 -9.26
CA VAL A 76 17.26 12.14 -8.31
C VAL A 76 15.75 12.28 -8.28
N ALA A 77 15.22 12.56 -7.10
CA ALA A 77 13.80 12.87 -6.92
C ALA A 77 13.66 14.13 -6.11
N GLY A 78 12.75 15.02 -6.54
CA GLY A 78 12.45 16.23 -5.82
C GLY A 78 11.15 16.09 -5.07
N LEU A 79 11.22 16.23 -3.75
CA LEU A 79 10.09 16.04 -2.85
C LEU A 79 9.69 17.37 -2.23
N ASN A 80 8.39 17.52 -1.98
CA ASN A 80 7.87 18.78 -1.48
C ASN A 80 8.53 19.16 -0.16
N PHE A 81 8.87 20.44 -0.03
CA PHE A 81 9.58 20.98 1.12
C PHE A 81 9.18 22.41 1.48
N PRO A 82 7.91 22.82 1.33
CA PRO A 82 7.57 24.22 1.61
C PRO A 82 7.65 24.53 3.09
N GLY A 83 8.01 25.77 3.39
CA GLY A 83 8.27 26.18 4.75
C GLY A 83 9.69 25.98 5.20
N TYR A 84 10.47 25.20 4.46
CA TYR A 84 11.88 24.95 4.78
C TYR A 84 12.79 25.23 3.61
N ALA A 85 12.40 24.85 2.39
CA ALA A 85 13.13 25.27 1.22
C ALA A 85 13.11 26.80 1.11
N GLN A 86 14.28 27.38 0.89
CA GLN A 86 14.38 28.82 0.67
C GLN A 86 15.60 29.04 -0.22
N TYR A 87 15.37 29.32 -1.49
CA TYR A 87 16.44 29.44 -2.45
C TYR A 87 17.05 30.84 -2.41
N ALA A 88 18.25 30.96 -2.96
CA ALA A 88 18.87 32.26 -3.13
C ALA A 88 18.06 33.11 -4.10
N THR A 89 18.06 34.42 -3.86
CA THR A 89 17.32 35.33 -4.72
C THR A 89 18.09 35.75 -5.96
N GLU A 90 19.41 35.52 -5.99
N GLU A 90 19.41 35.55 -5.98
CA GLU A 90 20.22 35.92 -7.13
CA GLU A 90 20.23 35.94 -7.11
C GLU A 90 21.40 34.98 -7.26
C GLU A 90 21.39 34.96 -7.26
N ALA A 91 21.89 34.85 -8.50
CA ALA A 91 23.09 34.06 -8.75
C ALA A 91 24.30 34.71 -8.09
N VAL A 92 25.30 33.88 -7.78
CA VAL A 92 26.54 34.33 -7.14
C VAL A 92 27.68 34.12 -8.10
N ASP A 93 28.49 35.16 -8.31
CA ASP A 93 29.65 35.06 -9.19
C ASP A 93 30.57 33.93 -8.73
N GLY A 94 31.02 33.12 -9.68
CA GLY A 94 31.93 32.03 -9.41
C GLY A 94 31.28 30.76 -8.87
N ALA A 95 30.04 30.82 -8.42
CA ALA A 95 29.36 29.63 -7.94
C ALA A 95 28.72 28.88 -9.10
N THR A 96 28.33 27.63 -8.85
CA THR A 96 27.53 26.88 -9.80
C THR A 96 26.07 27.23 -9.50
N ASN A 97 25.53 28.17 -10.26
CA ASN A 97 24.20 28.70 -10.01
C ASN A 97 23.18 27.85 -10.77
N VAL A 98 22.34 27.15 -10.04
CA VAL A 98 21.37 26.20 -10.59
C VAL A 98 19.98 26.72 -10.28
N ALA A 99 19.20 27.01 -11.32
CA ALA A 99 17.80 27.35 -11.10
C ALA A 99 17.11 26.17 -10.42
N ALA A 100 16.20 26.47 -9.49
CA ALA A 100 15.54 25.42 -8.74
C ALA A 100 14.84 24.42 -9.67
N PHE A 101 14.17 24.92 -10.71
CA PHE A 101 13.46 24.03 -11.62
C PHE A 101 14.39 23.09 -12.38
N GLU A 102 15.66 23.48 -12.56
CA GLU A 102 16.58 22.66 -13.34
C GLU A 102 17.51 21.81 -12.48
N PHE A 103 17.41 21.89 -11.16
CA PHE A 103 18.29 21.11 -10.30
C PHE A 103 18.29 19.62 -10.60
N PRO A 104 17.15 18.94 -10.73
CA PRO A 104 17.22 17.51 -11.08
C PRO A 104 17.81 17.27 -12.47
N LEU A 105 17.50 18.14 -13.43
CA LEU A 105 18.13 18.05 -14.75
C LEU A 105 19.63 18.23 -14.63
N TRP A 106 20.07 19.15 -13.76
CA TRP A 106 21.49 19.37 -13.55
C TRP A 106 22.16 18.11 -12.99
N VAL A 107 21.57 17.53 -11.93
CA VAL A 107 22.11 16.32 -11.35
C VAL A 107 22.23 15.21 -12.39
N ALA A 108 21.13 14.94 -13.10
CA ALA A 108 21.10 13.76 -13.97
C ALA A 108 21.83 13.99 -15.29
N SER A 109 21.81 15.20 -15.84
CA SER A 109 22.42 15.41 -17.14
C SER A 109 23.94 15.58 -17.05
N GLN A 110 24.48 15.90 -15.87
CA GLN A 110 25.89 16.28 -15.77
C GLN A 110 26.78 15.21 -15.16
N PHE A 111 26.29 14.37 -14.26
CA PHE A 111 27.15 13.53 -13.45
C PHE A 111 26.75 12.07 -13.55
N ALA A 112 27.72 11.19 -13.25
CA ALA A 112 27.55 9.76 -13.36
C ALA A 112 27.60 9.03 -12.02
N SER A 113 27.79 9.75 -10.92
CA SER A 113 27.88 9.10 -9.62
C SER A 113 27.61 10.13 -8.53
N VAL A 114 27.26 9.63 -7.35
CA VAL A 114 27.05 10.50 -6.21
C VAL A 114 28.35 11.21 -5.83
N ASP A 115 29.48 10.51 -5.97
CA ASP A 115 30.78 11.14 -5.74
C ASP A 115 30.93 12.41 -6.57
N GLU A 116 30.57 12.33 -7.85
CA GLU A 116 30.73 13.49 -8.73
C GLU A 116 29.79 14.63 -8.35
N VAL A 117 28.52 14.31 -8.08
N VAL A 117 28.53 14.31 -8.04
CA VAL A 117 27.55 15.32 -7.68
CA VAL A 117 27.59 15.39 -7.74
C VAL A 117 27.97 15.99 -6.39
C VAL A 117 27.86 15.99 -6.36
N GLU A 118 28.34 15.18 -5.40
CA GLU A 118 28.67 15.72 -4.09
C GLU A 118 29.85 16.68 -4.17
N ALA A 119 30.84 16.36 -4.99
CA ALA A 119 31.95 17.28 -5.21
C ALA A 119 31.47 18.56 -5.89
N ALA A 120 30.64 18.43 -6.92
CA ALA A 120 30.13 19.60 -7.62
C ALA A 120 29.26 20.46 -6.72
N LEU A 121 28.57 19.84 -5.75
CA LEU A 121 27.71 20.60 -4.85
C LEU A 121 28.50 21.54 -3.95
N ALA A 122 29.82 21.41 -3.86
CA ALA A 122 30.61 22.25 -2.97
C ALA A 122 30.45 23.74 -3.31
N ASP A 123 30.20 24.07 -4.58
N ASP A 123 30.23 24.08 -4.58
CA ASP A 123 30.08 25.46 -5.02
CA ASP A 123 30.06 25.47 -4.96
C ASP A 123 28.68 25.79 -5.54
C ASP A 123 28.71 25.72 -5.62
N VAL A 124 27.68 24.99 -5.19
CA VAL A 124 26.35 25.15 -5.77
C VAL A 124 25.56 26.19 -4.99
N VAL A 125 24.90 27.08 -5.74
CA VAL A 125 23.86 27.95 -5.21
C VAL A 125 22.60 27.66 -6.00
N ILE A 126 21.50 27.38 -5.30
CA ILE A 126 20.21 27.12 -5.94
C ILE A 126 19.41 28.41 -5.90
N VAL A 127 18.97 28.88 -7.07
CA VAL A 127 18.42 30.22 -7.23
C VAL A 127 16.93 30.13 -7.54
N ASP A 128 16.15 30.99 -6.87
CA ASP A 128 14.74 31.15 -7.20
C ASP A 128 14.63 31.89 -8.54
N ARG A 129 14.71 31.12 -9.62
CA ARG A 129 14.53 31.62 -10.98
C ARG A 129 13.40 30.82 -11.61
N PRO A 130 12.16 31.30 -11.53
CA PRO A 130 11.03 30.53 -12.07
C PRO A 130 11.16 30.32 -13.58
N ILE A 131 10.67 29.17 -14.04
CA ILE A 131 10.69 28.88 -15.47
C ILE A 131 9.86 29.90 -16.24
N ASN A 132 8.76 30.36 -15.65
CA ASN A 132 7.90 31.38 -16.26
C ASN A 132 6.91 31.85 -15.19
N ASP A 133 5.98 32.71 -15.60
N ASP A 133 5.96 32.69 -15.60
CA ASP A 133 5.00 33.27 -14.67
CA ASP A 133 4.97 33.24 -14.69
C ASP A 133 3.97 32.25 -14.21
C ASP A 133 3.93 32.21 -14.27
N LYS A 134 3.71 31.20 -15.00
N LYS A 134 3.74 31.15 -15.05
CA LYS A 134 2.72 30.21 -14.61
CA LYS A 134 2.73 30.15 -14.71
C LYS A 134 3.23 29.32 -13.49
C LYS A 134 3.21 29.15 -13.67
N TYR A 135 4.54 29.02 -13.49
CA TYR A 135 5.12 28.08 -12.54
C TYR A 135 6.20 28.76 -11.72
N PRO A 136 5.87 29.28 -10.54
CA PRO A 136 6.91 29.71 -9.61
C PRO A 136 7.78 28.54 -9.22
N SER A 137 8.92 28.85 -8.61
CA SER A 137 9.83 27.80 -8.17
C SER A 137 9.15 26.90 -7.15
N SER A 138 9.08 25.61 -7.46
CA SER A 138 8.62 24.64 -6.48
C SER A 138 9.58 24.59 -5.30
N LEU A 139 9.02 24.52 -4.10
CA LEU A 139 9.80 24.45 -2.87
C LEU A 139 10.06 22.98 -2.55
N LEU A 140 11.29 22.53 -2.76
CA LEU A 140 11.60 21.12 -2.71
C LEU A 140 12.90 20.88 -1.96
N HIS A 141 13.11 19.61 -1.59
CA HIS A 141 14.42 19.08 -1.30
C HIS A 141 14.57 17.78 -2.09
N TRP A 142 15.81 17.30 -2.20
CA TRP A 142 16.11 16.23 -3.16
C TRP A 142 16.86 15.08 -2.50
N ILE A 143 16.54 13.87 -2.94
CA ILE A 143 17.35 12.68 -2.69
C ILE A 143 18.02 12.31 -4.00
N ILE A 144 19.32 12.03 -3.93
CA ILE A 144 20.14 11.67 -5.09
C ILE A 144 20.83 10.36 -4.77
N GLY A 145 20.79 9.41 -5.69
CA GLY A 145 21.38 8.11 -5.43
C GLY A 145 21.99 7.49 -6.66
N ASP A 146 23.04 6.71 -6.44
CA ASP A 146 23.53 5.74 -7.41
C ASP A 146 23.46 4.35 -6.75
N SER A 147 24.08 3.37 -7.39
CA SER A 147 24.02 2.01 -6.86
C SER A 147 24.72 1.89 -5.51
N LYS A 148 25.56 2.85 -5.14
CA LYS A 148 26.37 2.76 -3.93
C LYS A 148 25.72 3.40 -2.72
N ARG A 149 25.13 4.59 -2.86
CA ARG A 149 24.69 5.34 -1.71
C ARG A 149 23.77 6.47 -2.16
N ALA A 150 23.15 7.13 -1.17
CA ALA A 150 22.25 8.25 -1.40
C ALA A 150 22.69 9.44 -0.59
N ILE A 151 22.45 10.63 -1.14
CA ILE A 151 22.61 11.87 -0.39
C ILE A 151 21.32 12.65 -0.47
N VAL A 152 21.13 13.56 0.49
CA VAL A 152 19.98 14.45 0.52
C VAL A 152 20.49 15.88 0.40
N VAL A 153 19.82 16.68 -0.43
CA VAL A 153 20.18 18.07 -0.64
C VAL A 153 19.03 18.94 -0.16
N GLU A 154 19.33 19.86 0.76
CA GLU A 154 18.35 20.81 1.27
C GLU A 154 18.95 22.19 1.22
N TYR A 155 18.30 23.10 0.49
CA TYR A 155 18.70 24.50 0.41
C TYR A 155 17.68 25.31 1.20
N THR A 156 18.12 25.86 2.33
CA THR A 156 17.24 26.53 3.28
C THR A 156 17.73 27.96 3.52
N SER A 157 17.19 28.58 4.56
CA SER A 157 17.48 29.99 4.82
C SER A 157 18.97 30.23 5.09
N ASP A 158 19.66 29.25 5.68
CA ASP A 158 21.09 29.38 5.91
C ASP A 158 21.92 28.62 4.86
N GLY A 159 21.35 28.38 3.68
CA GLY A 159 22.13 27.89 2.57
C GLY A 159 22.03 26.40 2.28
N LEU A 160 23.08 25.87 1.66
CA LEU A 160 23.07 24.52 1.12
C LEU A 160 23.49 23.50 2.18
N HIS A 161 22.70 22.44 2.31
CA HIS A 161 23.01 21.34 3.21
C HIS A 161 22.98 20.05 2.42
N VAL A 162 24.03 19.23 2.57
CA VAL A 162 24.15 17.93 1.91
C VAL A 162 24.36 16.89 2.99
N PHE A 163 23.53 15.84 2.99
CA PHE A 163 23.52 14.83 4.03
C PHE A 163 23.85 13.46 3.46
N ASP A 164 24.58 12.67 4.22
CA ASP A 164 24.70 11.24 3.96
C ASP A 164 23.41 10.55 4.37
N ASP A 165 22.63 10.08 3.40
CA ASP A 165 21.34 9.46 3.70
C ASP A 165 21.56 7.96 3.93
N ASP A 166 22.00 7.64 5.15
CA ASP A 166 22.32 6.26 5.49
C ASP A 166 21.09 5.41 5.80
N VAL A 167 19.88 5.96 5.68
CA VAL A 167 18.67 5.15 5.70
C VAL A 167 18.02 5.09 4.33
N ASP A 168 18.55 5.80 3.34
CA ASP A 168 18.15 5.64 1.94
C ASP A 168 16.69 6.02 1.70
N VAL A 169 16.14 6.93 2.52
CA VAL A 169 14.75 7.36 2.38
C VAL A 169 14.67 8.87 2.54
N LEU A 170 13.57 9.43 2.09
CA LEU A 170 13.30 10.85 2.26
C LEU A 170 11.80 11.06 2.23
N ALA A 171 11.34 12.02 3.03
CA ALA A 171 9.92 12.39 3.02
C ALA A 171 9.79 13.89 2.76
N ASN A 172 8.99 14.57 3.57
CA ASN A 172 8.87 16.02 3.41
C ASN A 172 9.46 16.72 4.62
N GLN A 173 8.80 17.77 5.10
CA GLN A 173 9.33 18.56 6.21
C GLN A 173 9.35 17.76 7.51
N PRO A 174 10.19 18.15 8.49
CA PRO A 174 11.20 19.22 8.45
C PRO A 174 12.52 18.74 7.86
N GLY A 175 13.65 19.33 8.25
CA GLY A 175 14.90 19.03 7.60
C GLY A 175 15.42 17.64 7.91
N PHE A 176 16.40 17.20 7.11
CA PHE A 176 16.88 15.83 7.22
C PHE A 176 17.51 15.55 8.58
N GLY A 177 18.24 16.54 9.12
CA GLY A 177 18.85 16.35 10.43
C GLY A 177 17.81 16.03 11.50
N TRP A 178 16.65 16.69 11.45
CA TRP A 178 15.59 16.42 12.39
C TRP A 178 15.08 14.98 12.24
N HIS A 179 14.78 14.56 11.01
CA HIS A 179 14.29 13.20 10.79
C HIS A 179 15.30 12.17 11.25
N HIS A 180 16.58 12.40 10.99
CA HIS A 180 17.60 11.41 11.34
C HIS A 180 17.68 11.20 12.85
N GLU A 181 17.67 12.30 13.61
CA GLU A 181 17.60 12.19 15.06
C GLU A 181 16.32 11.52 15.51
N ASN A 182 15.21 11.77 14.80
CA ASN A 182 13.94 11.19 15.19
C ASN A 182 13.95 9.68 15.10
N LEU A 183 14.81 9.11 14.23
CA LEU A 183 14.92 7.65 14.15
C LEU A 183 15.26 7.04 15.51
N ARG A 184 15.99 7.77 16.34
CA ARG A 184 16.40 7.25 17.64
C ARG A 184 15.25 7.14 18.63
N ASN A 185 14.05 7.56 18.23
CA ASN A 185 12.84 7.37 19.03
C ASN A 185 12.15 6.04 18.76
N TYR A 186 12.73 5.17 17.93
CA TYR A 186 12.07 3.92 17.55
C TYR A 186 13.02 2.75 17.62
N LEU A 187 13.91 2.76 18.62
CA LEU A 187 14.95 1.75 18.71
C LEU A 187 14.43 0.38 19.08
N ASN A 188 13.21 0.27 19.61
CA ASN A 188 12.66 -1.03 19.96
C ASN A 188 11.74 -1.60 18.89
N ALA A 189 11.63 -0.94 17.73
CA ALA A 189 10.86 -1.49 16.62
C ALA A 189 11.66 -2.57 15.91
N SER A 190 11.06 -3.75 15.75
CA SER A 190 11.77 -4.88 15.18
C SER A 190 10.78 -5.80 14.49
N PRO A 191 11.18 -6.47 13.40
CA PRO A 191 10.32 -7.48 12.79
C PRO A 191 10.33 -8.81 13.51
N ASP A 192 11.20 -8.99 14.50
CA ASP A 192 11.41 -10.31 15.10
C ASP A 192 10.15 -10.80 15.79
N PHE A 193 9.96 -12.11 15.76
CA PHE A 193 8.90 -12.77 16.52
C PHE A 193 9.47 -13.17 17.87
N PRO A 194 8.99 -12.61 18.98
N PRO A 194 9.05 -12.55 18.98
CA PRO A 194 9.39 -13.12 20.31
CA PRO A 194 9.80 -12.71 20.22
C PRO A 194 8.52 -14.31 20.72
C PRO A 194 9.62 -14.08 20.84
N GLU A 195 9.14 -15.38 21.19
N GLU A 195 10.62 -14.49 21.61
CA GLU A 195 8.37 -16.57 21.56
CA GLU A 195 10.40 -15.57 22.56
C GLU A 195 7.56 -16.33 22.82
C GLU A 195 9.41 -15.10 23.61
N LYS A 196 8.22 -15.92 23.90
N LYS A 196 8.75 -16.06 24.26
CA LYS A 196 7.54 -15.73 25.18
CA LYS A 196 7.68 -15.74 25.20
C LYS A 196 8.18 -14.58 25.95
C LYS A 196 8.18 -14.75 26.25
N ILE A 197 7.34 -13.78 26.59
CA ILE A 197 7.72 -12.70 27.49
CA ILE A 197 7.71 -12.69 27.49
C ILE A 197 6.90 -12.82 28.76
N VAL A 198 7.57 -12.79 29.91
CA VAL A 198 6.90 -12.84 31.20
C VAL A 198 6.94 -11.44 31.79
N LEU A 199 5.77 -10.82 31.94
CA LEU A 199 5.63 -9.53 32.60
C LEU A 199 5.06 -9.78 33.98
N ASN A 200 5.86 -9.54 35.01
CA ASN A 200 5.52 -9.89 36.38
C ASN A 200 5.33 -11.41 36.46
N ARG A 201 4.09 -11.88 36.41
CA ARG A 201 3.82 -13.31 36.33
C ARG A 201 2.93 -13.66 35.14
N ALA A 202 2.67 -12.71 34.25
CA ALA A 202 1.84 -12.96 33.08
C ALA A 202 2.70 -13.52 31.95
N ASP A 203 2.29 -14.65 31.40
CA ASP A 203 2.92 -15.21 30.21
C ASP A 203 2.30 -14.53 29.00
N LEU A 204 3.07 -13.70 28.31
CA LEU A 204 2.57 -12.93 27.17
C LEU A 204 3.20 -13.47 25.90
N VAL A 205 2.36 -13.95 24.99
CA VAL A 205 2.81 -14.38 23.66
C VAL A 205 2.17 -13.46 22.63
N PRO A 206 2.78 -13.27 21.45
CA PRO A 206 2.18 -12.40 20.44
C PRO A 206 0.87 -12.97 19.92
N PHE A 207 -0.05 -12.07 19.56
CA PHE A 207 -1.21 -12.48 18.78
C PHE A 207 -0.77 -13.10 17.46
N GLY A 208 0.32 -12.61 16.91
CA GLY A 208 0.83 -13.03 15.62
C GLY A 208 2.04 -12.21 15.24
N SER A 209 2.27 -12.01 13.94
CA SER A 209 3.42 -11.24 13.51
C SER A 209 3.25 -9.77 13.85
N GLY A 210 4.38 -9.08 14.05
CA GLY A 210 4.40 -7.65 14.21
C GLY A 210 4.38 -7.14 15.63
N SER A 211 4.51 -8.03 16.63
CA SER A 211 4.38 -7.62 18.02
C SER A 211 5.48 -6.65 18.46
N LEU A 212 6.66 -6.76 17.86
CA LEU A 212 7.77 -5.87 18.19
C LEU A 212 7.90 -4.72 17.19
N MET A 213 7.06 -4.69 16.16
CA MET A 213 6.94 -3.54 15.27
C MET A 213 6.13 -2.41 15.89
N ARG A 214 5.44 -2.68 17.00
CA ARG A 214 4.62 -1.68 17.67
C ARG A 214 5.41 -0.41 17.94
N GLY A 215 4.78 0.72 17.67
CA GLY A 215 5.40 2.03 17.78
C GLY A 215 5.66 2.69 16.44
N ILE A 216 5.89 1.90 15.39
CA ILE A 216 6.01 2.47 14.05
C ILE A 216 4.68 3.15 13.72
N PRO A 217 4.67 4.45 13.48
CA PRO A 217 3.41 5.15 13.24
C PRO A 217 2.86 4.87 11.84
N GLY A 218 1.53 4.89 11.75
CA GLY A 218 0.84 4.66 10.50
C GLY A 218 0.13 5.87 9.92
N ASP A 219 0.30 7.05 10.50
CA ASP A 219 -0.35 8.25 10.01
C ASP A 219 0.43 8.84 8.84
N TYR A 220 -0.20 9.81 8.17
CA TYR A 220 0.33 10.39 6.95
C TYR A 220 1.30 11.55 7.20
N TYR A 221 1.49 11.94 8.46
CA TYR A 221 2.39 13.05 8.77
C TYR A 221 3.78 12.74 8.24
N SER A 222 4.46 13.78 7.75
CA SER A 222 5.76 13.59 7.11
C SER A 222 6.79 12.94 8.02
N PRO A 223 7.00 13.38 9.27
CA PRO A 223 7.92 12.64 10.14
C PRO A 223 7.54 11.18 10.32
N SER A 224 6.24 10.87 10.34
CA SER A 224 5.81 9.49 10.51
C SER A 224 6.13 8.65 9.29
N ARG A 225 5.90 9.20 8.10
CA ARG A 225 6.25 8.48 6.87
C ARG A 225 7.76 8.24 6.78
N PHE A 226 8.56 9.22 7.20
CA PHE A 226 10.00 9.03 7.20
C PHE A 226 10.37 7.81 8.05
N VAL A 227 9.85 7.74 9.27
CA VAL A 227 10.17 6.64 10.17
C VAL A 227 9.64 5.32 9.62
N ARG A 228 8.40 5.34 9.11
CA ARG A 228 7.80 4.11 8.60
C ARG A 228 8.53 3.63 7.34
N ALA A 229 8.87 4.55 6.44
CA ALA A 229 9.64 4.17 5.26
C ALA A 229 11.02 3.67 5.65
N ALA A 230 11.69 4.35 6.58
CA ALA A 230 13.02 3.93 7.01
C ALA A 230 12.99 2.51 7.56
N TYR A 231 11.97 2.17 8.35
CA TYR A 231 11.85 0.82 8.88
C TYR A 231 11.62 -0.20 7.77
N VAL A 232 10.59 0.02 6.96
CA VAL A 232 10.24 -0.95 5.92
C VAL A 232 11.40 -1.12 4.95
N HIS A 233 12.01 -0.01 4.53
CA HIS A 233 13.08 -0.05 3.54
C HIS A 233 14.32 -0.76 4.09
N ALA A 234 14.63 -0.54 5.37
CA ALA A 234 15.81 -1.16 5.97
C ALA A 234 15.64 -2.66 6.12
N HIS A 235 14.42 -3.14 6.33
CA HIS A 235 14.20 -4.56 6.60
C HIS A 235 13.78 -5.34 5.36
N TYR A 236 13.51 -4.68 4.25
CA TYR A 236 13.17 -5.39 3.03
C TYR A 236 14.38 -6.16 2.55
N PRO A 237 14.28 -7.48 2.35
CA PRO A 237 15.45 -8.25 1.94
C PRO A 237 15.91 -7.88 0.54
N GLY A 238 17.22 -7.86 0.35
CA GLY A 238 17.75 -7.54 -0.96
C GLY A 238 17.32 -8.56 -2.00
N LYS A 239 17.07 -8.07 -3.21
CA LYS A 239 16.67 -8.92 -4.33
C LYS A 239 17.65 -8.77 -5.48
N SER A 240 17.76 -9.81 -6.31
N SER A 240 17.76 -9.82 -6.30
CA SER A 240 18.75 -9.88 -7.36
CA SER A 240 18.74 -9.86 -7.36
C SER A 240 18.17 -9.90 -8.76
C SER A 240 18.15 -9.74 -8.76
N THR A 241 16.84 -9.90 -8.92
CA THR A 241 16.21 -9.84 -10.23
C THR A 241 15.50 -8.51 -10.41
N GLU A 242 15.34 -8.13 -11.69
CA GLU A 242 14.63 -6.90 -12.01
C GLU A 242 13.19 -6.96 -11.51
N GLU A 243 12.50 -8.09 -11.74
CA GLU A 243 11.10 -8.21 -11.35
C GLU A 243 10.91 -8.04 -9.85
N GLU A 244 11.74 -8.72 -9.05
CA GLU A 244 11.59 -8.60 -7.61
C GLU A 244 11.95 -7.21 -7.12
N ASN A 245 12.90 -6.55 -7.77
CA ASN A 245 13.29 -5.21 -7.36
C ASN A 245 12.27 -4.17 -7.76
N VAL A 246 11.59 -4.38 -8.90
CA VAL A 246 10.46 -3.51 -9.23
C VAL A 246 9.34 -3.69 -8.21
N SER A 247 9.04 -4.95 -7.87
CA SER A 247 8.00 -5.22 -6.88
C SER A 247 8.37 -4.63 -5.53
N ARG A 248 9.67 -4.63 -5.19
CA ARG A 248 10.11 -4.06 -3.91
C ARG A 248 9.80 -2.57 -3.83
N ALA A 249 10.00 -1.84 -4.95
CA ALA A 249 9.74 -0.41 -4.93
C ALA A 249 8.27 -0.12 -4.66
N PHE A 250 7.36 -0.78 -5.39
CA PHE A 250 5.96 -0.44 -5.28
C PHE A 250 5.37 -0.90 -3.95
N HIS A 251 5.81 -2.06 -3.45
CA HIS A 251 5.35 -2.51 -2.13
C HIS A 251 5.84 -1.59 -1.03
N THR A 252 7.13 -1.22 -1.06
CA THR A 252 7.67 -0.34 -0.03
C THR A 252 6.94 1.00 -0.02
N LEU A 253 6.66 1.56 -1.20
CA LEU A 253 6.03 2.87 -1.27
C LEU A 253 4.52 2.79 -1.02
N GLN A 254 3.89 1.64 -1.25
CA GLN A 254 2.50 1.47 -0.84
C GLN A 254 2.37 1.51 0.67
N GLN A 255 3.43 1.15 1.40
CA GLN A 255 3.43 1.19 2.86
C GLN A 255 3.36 2.61 3.40
N VAL A 256 3.75 3.61 2.61
CA VAL A 256 3.70 5.00 3.02
C VAL A 256 2.81 5.83 2.10
N ALA A 257 2.02 5.19 1.26
CA ALA A 257 1.15 5.92 0.34
C ALA A 257 -0.01 6.58 1.10
N MET A 258 -0.71 7.46 0.39
CA MET A 258 -1.84 8.20 0.92
C MET A 258 -3.07 7.87 0.09
N VAL A 259 -4.18 7.56 0.75
CA VAL A 259 -5.40 7.22 0.02
C VAL A 259 -6.51 8.19 0.42
N ASP A 260 -7.56 8.18 -0.39
CA ASP A 260 -8.63 9.17 -0.28
C ASP A 260 -9.26 9.16 1.11
N GLY A 261 -9.47 10.34 1.67
CA GLY A 261 -10.23 10.52 2.89
C GLY A 261 -9.43 10.58 4.17
N SER A 262 -8.18 10.13 4.16
CA SER A 262 -7.48 9.89 5.42
C SER A 262 -6.73 11.11 5.95
N ALA A 263 -6.35 12.07 5.10
CA ALA A 263 -5.66 13.26 5.59
C ALA A 263 -5.93 14.43 4.66
N ALA A 264 -6.56 15.48 5.19
CA ALA A 264 -6.90 16.65 4.40
C ALA A 264 -5.80 17.70 4.46
N MET A 265 -5.80 18.59 3.48
CA MET A 265 -5.02 19.81 3.51
C MET A 265 -5.91 20.94 4.03
N GLY A 266 -5.32 22.14 4.14
CA GLY A 266 -6.09 23.28 4.59
C GLY A 266 -7.30 23.55 3.72
N SER A 267 -7.21 23.24 2.43
CA SER A 267 -8.35 23.43 1.53
C SER A 267 -9.50 22.48 1.84
N GLY A 268 -9.25 21.42 2.62
CA GLY A 268 -10.24 20.38 2.81
C GLY A 268 -10.13 19.23 1.84
N GLU A 269 -9.39 19.40 0.75
CA GLU A 269 -9.13 18.28 -0.15
C GLU A 269 -8.15 17.31 0.48
N PHE A 270 -8.30 16.04 0.12
CA PHE A 270 -7.50 14.97 0.71
C PHE A 270 -6.24 14.74 -0.13
N GLU A 271 -5.10 14.68 0.55
CA GLU A 271 -3.85 14.38 -0.13
C GLU A 271 -3.79 12.89 -0.44
N LYS A 272 -3.40 12.56 -1.66
N LYS A 272 -3.40 12.56 -1.66
CA LYS A 272 -3.38 11.18 -2.13
CA LYS A 272 -3.36 11.18 -2.11
C LYS A 272 -2.10 10.93 -2.91
C LYS A 272 -2.06 10.95 -2.87
N THR A 273 -1.66 9.68 -2.93
CA THR A 273 -0.51 9.29 -3.73
C THR A 273 -0.98 9.25 -5.18
N THR A 274 -0.66 10.30 -5.95
N THR A 274 -0.67 10.32 -5.91
CA THR A 274 -1.21 10.40 -7.29
CA THR A 274 -1.15 10.46 -7.28
C THR A 274 -0.44 9.55 -8.30
C THR A 274 -0.45 9.47 -8.21
N TYR A 275 0.87 9.37 -8.10
CA TYR A 275 1.61 8.39 -8.87
C TYR A 275 2.79 7.91 -8.06
N THR A 276 3.29 6.73 -8.44
CA THR A 276 4.46 6.12 -7.84
C THR A 276 5.40 5.74 -8.97
N GLY A 277 6.58 6.36 -9.00
CA GLY A 277 7.52 6.17 -10.09
C GLY A 277 8.80 5.52 -9.62
N LEU A 278 9.42 4.74 -10.51
CA LEU A 278 10.67 4.03 -10.21
C LEU A 278 11.59 4.10 -11.41
N PHE A 279 12.84 4.49 -11.18
CA PHE A 279 13.89 4.41 -12.19
C PHE A 279 14.79 3.22 -11.89
N SER A 280 15.04 2.41 -12.91
CA SER A 280 15.93 1.25 -12.80
C SER A 280 17.08 1.43 -13.77
N SER A 281 18.31 1.52 -13.24
CA SER A 281 19.47 1.63 -14.11
C SER A 281 19.77 0.32 -14.81
N ARG A 282 19.39 -0.81 -14.21
CA ARG A 282 19.69 -2.11 -14.82
C ARG A 282 19.06 -2.23 -16.20
N THR A 283 17.82 -1.82 -16.34
CA THR A 283 17.12 -1.85 -17.62
C THR A 283 16.95 -0.48 -18.24
N MET A 284 17.50 0.56 -17.61
CA MET A 284 17.38 1.93 -18.12
C MET A 284 15.92 2.25 -18.42
N THR A 285 15.07 1.98 -17.45
CA THR A 285 13.62 1.99 -17.63
C THR A 285 12.96 2.72 -16.47
N TYR A 286 11.95 3.51 -16.79
CA TYR A 286 11.14 4.18 -15.78
C TYR A 286 9.81 3.45 -15.67
N TYR A 287 9.49 2.99 -14.46
CA TYR A 287 8.23 2.31 -14.15
C TYR A 287 7.34 3.21 -13.31
N TRP A 288 6.03 3.05 -13.47
CA TRP A 288 5.12 3.81 -12.62
C TRP A 288 3.74 3.18 -12.60
N ASN A 289 2.99 3.50 -11.55
CA ASN A 289 1.54 3.33 -11.54
C ASN A 289 0.92 4.60 -10.95
N THR A 290 -0.41 4.62 -10.88
CA THR A 290 -1.16 5.81 -10.51
C THR A 290 -2.20 5.44 -9.46
N TYR A 291 -2.81 6.47 -8.86
CA TYR A 291 -3.91 6.23 -7.94
C TYR A 291 -5.04 5.46 -8.64
N GLU A 292 -5.29 5.79 -9.91
CA GLU A 292 -6.41 5.22 -10.64
C GLU A 292 -6.13 3.81 -11.17
N ASP A 293 -4.87 3.39 -11.23
CA ASP A 293 -4.53 2.10 -11.80
C ASP A 293 -3.21 1.60 -11.22
N PRO A 294 -3.25 0.53 -10.41
CA PRO A 294 -2.00 0.01 -9.82
C PRO A 294 -1.14 -0.79 -10.78
N ALA A 295 -1.63 -1.10 -11.98
CA ALA A 295 -0.80 -1.82 -12.95
C ALA A 295 0.45 -1.01 -13.28
N VAL A 296 1.59 -1.69 -13.33
CA VAL A 296 2.86 -1.01 -13.54
C VAL A 296 3.05 -0.79 -15.03
N ARG A 297 3.22 0.47 -15.42
CA ARG A 297 3.59 0.85 -16.77
C ARG A 297 5.09 1.14 -16.82
N SER A 298 5.64 1.10 -18.03
CA SER A 298 7.08 1.31 -18.16
C SER A 298 7.40 1.98 -19.49
N VAL A 299 8.48 2.77 -19.47
CA VAL A 299 9.07 3.35 -20.67
C VAL A 299 10.56 3.07 -20.61
N ALA A 300 11.09 2.43 -21.65
CA ALA A 300 12.52 2.16 -21.73
C ALA A 300 13.21 3.25 -22.52
N MET A 301 14.35 3.73 -22.00
CA MET A 301 15.12 4.73 -22.74
C MET A 301 15.55 4.20 -24.11
N ALA A 302 15.78 2.89 -24.22
CA ALA A 302 16.19 2.29 -25.48
C ALA A 302 15.12 2.42 -26.57
N ASP A 303 13.88 2.70 -26.21
CA ASP A 303 12.81 2.86 -27.18
C ASP A 303 12.71 4.26 -27.75
N HIS A 304 13.56 5.18 -27.31
CA HIS A 304 13.47 6.56 -27.75
C HIS A 304 14.85 7.05 -28.19
N ALA A 305 14.85 8.14 -28.94
CA ALA A 305 16.07 8.70 -29.50
C ALA A 305 16.82 9.45 -28.40
N ALA A 306 17.53 8.69 -27.58
CA ALA A 306 18.29 9.27 -26.48
C ALA A 306 19.48 10.09 -26.97
N ASP A 307 19.86 9.95 -28.24
CA ASP A 307 20.88 10.79 -28.86
C ASP A 307 20.26 11.81 -29.80
N GLY A 308 18.95 11.99 -29.78
CA GLY A 308 18.28 12.96 -30.60
C GLY A 308 18.52 14.38 -30.11
N THR A 309 17.77 15.31 -30.69
CA THR A 309 17.96 16.72 -30.40
C THR A 309 16.78 17.38 -29.72
N GLU A 310 15.66 16.69 -29.54
CA GLU A 310 14.47 17.32 -28.98
C GLU A 310 13.97 16.53 -27.78
N LEU A 311 13.42 17.26 -26.81
CA LEU A 311 12.76 16.62 -25.69
C LEU A 311 11.62 15.75 -26.19
N VAL A 312 11.52 14.54 -25.65
CA VAL A 312 10.48 13.59 -26.04
C VAL A 312 9.49 13.49 -24.87
N VAL A 313 8.26 13.96 -25.11
CA VAL A 313 7.17 13.74 -24.16
C VAL A 313 6.52 12.43 -24.59
N VAL A 314 6.78 11.37 -23.81
CA VAL A 314 6.38 10.03 -24.23
C VAL A 314 4.88 9.89 -24.16
N LEU A 315 4.29 9.32 -25.22
CA LEU A 315 2.83 9.03 -25.22
C LEU A 315 2.61 7.51 -25.09
N GLU A 316 3.50 6.67 -25.63
CA GLU A 316 3.27 5.18 -25.65
C GLU A 316 4.08 4.45 -24.56
N HIS A 317 3.45 3.51 -23.85
CA HIS A 317 4.15 2.87 -22.71
C HIS A 317 3.88 1.38 -22.61
N CYS B 1 -4.35 -11.28 7.64
CA CYS B 1 -5.55 -10.99 6.86
C CYS B 1 -6.27 -9.76 7.39
N THR B 2 -6.79 -8.95 6.48
CA THR B 2 -7.67 -7.84 6.80
C THR B 2 -8.77 -7.78 5.75
N GLY B 3 -10.01 -7.57 6.18
CA GLY B 3 -11.13 -7.51 5.26
C GLY B 3 -12.00 -6.30 5.51
N ILE B 4 -12.72 -5.89 4.47
CA ILE B 4 -13.59 -4.72 4.50
C ILE B 4 -14.89 -5.02 3.77
N ARG B 5 -15.97 -4.34 4.18
CA ARG B 5 -17.25 -4.38 3.48
C ARG B 5 -17.75 -2.95 3.29
N TYR B 6 -18.26 -2.66 2.10
CA TYR B 6 -18.85 -1.35 1.84
C TYR B 6 -19.83 -1.47 0.67
N SER B 7 -20.57 -0.39 0.45
N SER B 7 -20.56 -0.38 0.44
CA SER B 7 -21.53 -0.29 -0.65
CA SER B 7 -21.52 -0.28 -0.64
C SER B 7 -21.28 1.01 -1.40
C SER B 7 -21.31 1.03 -1.38
N ASP B 8 -22.10 1.24 -2.43
CA ASP B 8 -22.02 2.45 -3.24
C ASP B 8 -23.26 3.32 -3.11
N GLY B 9 -24.10 3.04 -2.11
CA GLY B 9 -25.35 3.77 -1.94
C GLY B 9 -26.40 3.45 -2.97
N SER B 10 -26.16 2.47 -3.84
CA SER B 10 -27.11 2.05 -4.86
C SER B 10 -27.45 0.57 -4.74
N GLY B 11 -27.21 -0.02 -3.59
CA GLY B 11 -27.53 -1.42 -3.38
C GLY B 11 -26.48 -2.40 -3.83
N ASN B 12 -25.29 -1.95 -4.19
CA ASN B 12 -24.23 -2.82 -4.67
C ASN B 12 -23.23 -3.09 -3.56
N LEU B 13 -22.81 -4.34 -3.45
CA LEU B 13 -21.92 -4.79 -2.38
C LEU B 13 -20.48 -4.90 -2.88
N TYR B 14 -19.54 -4.48 -2.04
CA TYR B 14 -18.12 -4.71 -2.25
C TYR B 14 -17.55 -5.33 -0.99
N LEU B 15 -16.92 -6.49 -1.11
CA LEU B 15 -16.25 -7.14 0.01
C LEU B 15 -14.88 -7.58 -0.45
N ALA B 16 -13.85 -7.15 0.26
CA ALA B 16 -12.48 -7.37 -0.17
C ALA B 16 -11.62 -7.75 1.03
N ARG B 17 -10.51 -8.44 0.75
CA ARG B 17 -9.60 -8.87 1.82
C ARG B 17 -8.19 -8.99 1.29
N ASN B 18 -7.23 -8.77 2.20
CA ASN B 18 -5.85 -9.24 2.06
C ASN B 18 -5.77 -10.65 2.61
N LEU B 19 -5.08 -11.52 1.90
CA LEU B 19 -4.65 -12.81 2.45
C LEU B 19 -3.19 -12.68 2.82
N ASP B 20 -2.88 -12.77 4.10
CA ASP B 20 -1.52 -12.63 4.60
C ASP B 20 -0.98 -13.99 5.00
N TRP B 21 0.19 -14.34 4.46
CA TRP B 21 0.77 -15.66 4.68
C TRP B 21 2.27 -15.59 4.39
N THR B 22 2.99 -16.62 4.82
CA THR B 22 4.44 -16.64 4.69
C THR B 22 4.91 -17.26 3.37
N SER B 23 4.02 -17.85 2.58
CA SER B 23 4.42 -18.49 1.34
C SER B 23 3.25 -18.47 0.37
N ASP B 24 3.47 -19.05 -0.81
CA ASP B 24 2.44 -19.14 -1.82
C ASP B 24 1.29 -20.03 -1.33
N PHE B 25 0.06 -19.52 -1.47
CA PHE B 25 -1.11 -20.21 -0.98
C PHE B 25 -1.72 -21.17 -2.00
N GLY B 26 -1.36 -21.05 -3.27
CA GLY B 26 -1.95 -21.89 -4.30
C GLY B 26 -3.36 -21.51 -4.70
N GLU B 27 -3.79 -20.30 -4.39
CA GLU B 27 -5.18 -19.91 -4.56
C GLU B 27 -5.55 -19.80 -6.04
N ARG B 28 -6.81 -20.13 -6.35
CA ARG B 28 -7.37 -19.98 -7.68
C ARG B 28 -8.77 -19.40 -7.56
N VAL B 29 -9.27 -18.84 -8.66
CA VAL B 29 -10.66 -18.38 -8.70
C VAL B 29 -11.55 -19.59 -9.02
N VAL B 30 -12.50 -19.86 -8.15
CA VAL B 30 -13.36 -21.04 -8.24
C VAL B 30 -14.81 -20.56 -8.36
N VAL B 31 -15.49 -21.02 -9.39
CA VAL B 31 -16.92 -20.78 -9.57
C VAL B 31 -17.66 -22.04 -9.16
N THR B 32 -18.63 -21.90 -8.26
CA THR B 32 -19.48 -23.02 -7.88
C THR B 32 -20.88 -22.77 -8.44
N PRO B 33 -21.29 -23.50 -9.47
CA PRO B 33 -22.58 -23.23 -10.10
C PRO B 33 -23.72 -23.91 -9.35
N THR B 34 -24.95 -23.48 -9.68
CA THR B 34 -26.13 -23.98 -8.98
C THR B 34 -26.42 -25.44 -9.29
N GLY B 35 -25.86 -25.99 -10.37
CA GLY B 35 -26.07 -27.38 -10.71
C GLY B 35 -25.05 -28.34 -10.16
N TYR B 36 -24.12 -27.86 -9.35
CA TYR B 36 -23.06 -28.69 -8.81
C TYR B 36 -23.62 -29.61 -7.71
N THR B 37 -23.26 -30.90 -7.77
CA THR B 37 -23.67 -31.87 -6.77
C THR B 37 -22.77 -31.76 -5.55
N THR B 38 -23.35 -31.39 -4.41
CA THR B 38 -22.54 -31.04 -3.26
C THR B 38 -22.02 -32.28 -2.56
N LYS B 39 -20.97 -32.07 -1.76
CA LYS B 39 -20.39 -33.10 -0.91
C LYS B 39 -20.33 -32.51 0.51
N SER B 40 -21.49 -32.44 1.15
CA SER B 40 -21.62 -31.82 2.46
C SER B 40 -21.63 -32.90 3.52
N PRO B 41 -20.63 -32.95 4.41
CA PRO B 41 -20.50 -34.13 5.30
C PRO B 41 -21.68 -34.33 6.24
N PHE B 42 -22.36 -33.25 6.66
CA PHE B 42 -23.51 -33.38 7.54
C PHE B 42 -24.77 -32.78 6.90
N GLY B 43 -24.79 -32.66 5.58
CA GLY B 43 -25.97 -32.18 4.87
C GLY B 43 -26.28 -30.72 5.03
N ALA B 44 -25.34 -29.89 5.52
CA ALA B 44 -25.62 -28.47 5.66
C ALA B 44 -25.76 -27.79 4.30
N VAL B 45 -25.09 -28.31 3.29
CA VAL B 45 -25.18 -27.78 1.94
C VAL B 45 -25.77 -28.85 1.03
N PRO B 46 -27.10 -29.01 0.98
CA PRO B 46 -27.69 -30.08 0.17
C PRO B 46 -27.70 -29.77 -1.32
N ALA B 47 -27.72 -28.48 -1.66
CA ALA B 47 -27.68 -28.04 -3.04
C ALA B 47 -27.17 -26.60 -3.07
N ILE B 48 -26.79 -26.16 -4.26
CA ILE B 48 -26.31 -24.79 -4.45
C ILE B 48 -27.50 -23.93 -4.87
N ARG B 49 -27.98 -23.09 -3.95
CA ARG B 49 -29.12 -22.24 -4.25
C ARG B 49 -28.71 -20.94 -4.95
N HIS B 50 -27.49 -20.47 -4.72
CA HIS B 50 -26.96 -19.28 -5.38
C HIS B 50 -25.57 -19.59 -5.88
N ALA B 51 -25.29 -19.26 -7.14
CA ALA B 51 -23.96 -19.51 -7.68
C ALA B 51 -22.94 -18.66 -6.93
N VAL B 52 -21.73 -19.20 -6.81
CA VAL B 52 -20.69 -18.63 -5.96
C VAL B 52 -19.43 -18.42 -6.79
N ILE B 53 -18.73 -17.32 -6.52
CA ILE B 53 -17.43 -17.05 -7.14
C ILE B 53 -16.50 -16.46 -6.09
N GLY B 54 -15.25 -16.92 -6.10
CA GLY B 54 -14.29 -16.38 -5.15
C GLY B 54 -12.96 -17.10 -5.27
N MET B 55 -12.06 -16.76 -4.36
CA MET B 55 -10.73 -17.34 -4.30
C MET B 55 -10.75 -18.56 -3.40
N GLY B 56 -10.10 -19.63 -3.85
CA GLY B 56 -9.99 -20.82 -3.02
C GLY B 56 -9.24 -21.92 -3.74
N ILE B 57 -9.36 -23.12 -3.20
CA ILE B 57 -8.79 -24.32 -3.80
C ILE B 57 -9.88 -25.39 -3.87
N VAL B 58 -9.63 -26.41 -4.67
CA VAL B 58 -10.55 -27.53 -4.82
C VAL B 58 -9.85 -28.79 -4.33
N GLN B 59 -10.52 -29.53 -3.46
CA GLN B 59 -10.07 -30.83 -2.98
C GLN B 59 -11.27 -31.75 -2.91
N GLU B 60 -11.09 -33.00 -3.35
CA GLU B 60 -12.18 -33.99 -3.37
C GLU B 60 -13.42 -33.41 -4.04
N ASP B 61 -13.21 -32.71 -5.17
CA ASP B 61 -14.29 -32.06 -5.90
C ASP B 61 -15.18 -31.21 -5.00
N THR B 62 -14.53 -30.50 -4.06
CA THR B 62 -15.21 -29.63 -3.13
C THR B 62 -14.52 -28.26 -3.14
N PRO B 63 -15.27 -27.17 -3.30
CA PRO B 63 -14.65 -25.83 -3.27
C PRO B 63 -14.37 -25.39 -1.84
N LEU B 64 -13.09 -25.19 -1.53
CA LEU B 64 -12.66 -24.67 -0.22
C LEU B 64 -12.34 -23.20 -0.40
N TYR B 65 -13.30 -22.33 -0.08
CA TYR B 65 -13.16 -20.91 -0.36
C TYR B 65 -12.40 -20.20 0.75
N PHE B 66 -11.53 -19.26 0.36
CA PHE B 66 -10.99 -18.31 1.32
C PHE B 66 -11.90 -17.10 1.47
N ASP B 67 -12.52 -16.67 0.37
CA ASP B 67 -13.51 -15.61 0.35
C ASP B 67 -14.31 -15.77 -0.94
N CYS B 68 -15.56 -15.31 -0.91
CA CYS B 68 -16.42 -15.52 -2.08
C CYS B 68 -17.71 -14.72 -1.91
N GLY B 69 -18.35 -14.45 -3.05
CA GLY B 69 -19.67 -13.86 -3.06
C GLY B 69 -20.58 -14.60 -4.01
N ASN B 70 -21.88 -14.35 -3.90
CA ASN B 70 -22.85 -15.12 -4.68
C ASN B 70 -23.66 -14.20 -5.60
N ASP B 71 -24.53 -14.83 -6.39
CA ASP B 71 -25.33 -14.13 -7.40
C ASP B 71 -26.50 -13.37 -6.78
N ALA B 72 -26.60 -13.31 -5.46
CA ALA B 72 -27.67 -12.59 -4.78
C ALA B 72 -27.16 -11.41 -3.96
N GLY B 73 -25.87 -11.09 -4.05
CA GLY B 73 -25.34 -9.94 -3.35
C GLY B 73 -24.87 -10.20 -1.94
N LEU B 74 -24.50 -11.44 -1.61
CA LEU B 74 -23.98 -11.78 -0.30
C LEU B 74 -22.57 -12.34 -0.44
N ALA B 75 -21.67 -11.92 0.45
CA ALA B 75 -20.27 -12.33 0.35
C ALA B 75 -19.73 -12.63 1.73
N VAL B 76 -18.62 -13.36 1.75
CA VAL B 76 -18.02 -13.84 2.99
C VAL B 76 -16.53 -14.04 2.77
N ALA B 77 -15.74 -13.76 3.80
CA ALA B 77 -14.30 -13.99 3.79
C ALA B 77 -13.88 -14.65 5.10
N GLY B 78 -13.06 -15.68 4.99
CA GLY B 78 -12.49 -16.33 6.15
C GLY B 78 -11.08 -15.84 6.41
N LEU B 79 -10.87 -15.29 7.60
CA LEU B 79 -9.60 -14.69 7.98
C LEU B 79 -8.96 -15.52 9.09
N ASN B 80 -7.63 -15.59 9.08
N ASN B 80 -7.63 -15.59 9.08
CA ASN B 80 -6.90 -16.42 10.04
CA ASN B 80 -6.92 -16.44 10.03
C ASN B 80 -7.28 -16.04 11.47
C ASN B 80 -7.25 -16.05 11.46
N PHE B 81 -7.45 -17.07 12.30
CA PHE B 81 -7.86 -16.89 13.70
C PHE B 81 -7.27 -17.95 14.62
N PRO B 82 -6.04 -18.44 14.42
CA PRO B 82 -5.53 -19.51 15.30
C PRO B 82 -5.30 -18.98 16.71
N GLY B 83 -5.48 -19.88 17.68
CA GLY B 83 -5.44 -19.52 19.08
C GLY B 83 -6.76 -19.07 19.64
N TYR B 84 -7.72 -18.72 18.80
CA TYR B 84 -9.05 -18.29 19.24
C TYR B 84 -10.17 -19.11 18.62
N ALA B 85 -10.06 -19.47 17.34
CA ALA B 85 -11.02 -20.38 16.74
C ALA B 85 -10.91 -21.75 17.39
N GLN B 86 -12.05 -22.32 17.76
CA GLN B 86 -12.09 -23.70 18.26
C GLN B 86 -13.44 -24.28 17.87
N TYR B 87 -13.43 -25.22 16.93
CA TYR B 87 -14.65 -25.81 16.42
C TYR B 87 -15.09 -26.99 17.28
N ALA B 88 -16.36 -27.36 17.15
CA ALA B 88 -16.86 -28.57 17.78
C ALA B 88 -16.10 -29.78 17.25
N THR B 89 -15.79 -30.72 18.16
CA THR B 89 -15.05 -31.91 17.75
C THR B 89 -15.94 -32.90 17.00
N GLU B 90 -17.25 -32.81 17.15
CA GLU B 90 -18.16 -33.74 16.47
C GLU B 90 -19.47 -33.03 16.16
N ALA B 91 -20.18 -33.56 15.16
CA ALA B 91 -21.49 -33.05 14.81
C ALA B 91 -22.46 -33.24 15.97
N VAL B 92 -23.43 -32.33 16.06
CA VAL B 92 -24.43 -32.31 17.13
C VAL B 92 -25.77 -32.67 16.52
N ASP B 93 -26.39 -33.74 17.01
CA ASP B 93 -27.67 -34.19 16.49
C ASP B 93 -28.72 -33.11 16.65
N GLY B 94 -29.44 -32.82 15.57
CA GLY B 94 -30.47 -31.80 15.56
C GLY B 94 -29.99 -30.41 15.19
N ALA B 95 -28.69 -30.18 15.11
CA ALA B 95 -28.16 -28.88 14.73
C ALA B 95 -27.88 -28.82 13.23
N THR B 96 -27.63 -27.61 12.74
CA THR B 96 -27.09 -27.42 11.40
C THR B 96 -25.58 -27.54 11.50
N ASN B 97 -25.05 -28.72 11.21
CA ASN B 97 -23.63 -29.00 11.38
C ASN B 97 -22.90 -28.63 10.09
N VAL B 98 -22.10 -27.57 10.15
CA VAL B 98 -21.34 -27.06 9.01
C VAL B 98 -19.87 -27.39 9.25
N ALA B 99 -19.29 -28.16 8.34
CA ALA B 99 -17.85 -28.38 8.40
C ALA B 99 -17.11 -27.07 8.22
N ALA B 100 -16.01 -26.90 8.96
CA ALA B 100 -15.28 -25.64 8.92
C ALA B 100 -14.90 -25.26 7.50
N PHE B 101 -14.41 -26.22 6.70
CA PHE B 101 -13.98 -25.89 5.35
C PHE B 101 -15.13 -25.43 4.46
N GLU B 102 -16.37 -25.81 4.78
CA GLU B 102 -17.50 -25.48 3.92
C GLU B 102 -18.32 -24.30 4.42
N PHE B 103 -17.91 -23.67 5.52
CA PHE B 103 -18.70 -22.55 6.05
C PHE B 103 -18.87 -21.43 5.04
N PRO B 104 -17.83 -20.93 4.35
CA PRO B 104 -18.08 -19.89 3.34
C PRO B 104 -18.94 -20.38 2.19
N LEU B 105 -18.78 -21.65 1.79
CA LEU B 105 -19.68 -22.22 0.80
C LEU B 105 -21.11 -22.26 1.31
N TRP B 106 -21.30 -22.65 2.57
CA TRP B 106 -22.63 -22.67 3.15
C TRP B 106 -23.26 -21.28 3.16
N VAL B 107 -22.48 -20.27 3.57
CA VAL B 107 -23.00 -18.90 3.60
C VAL B 107 -23.42 -18.46 2.20
N ALA B 108 -22.51 -18.57 1.23
CA ALA B 108 -22.76 -18.01 -0.09
C ALA B 108 -23.73 -18.83 -0.92
N SER B 109 -23.75 -20.16 -0.75
CA SER B 109 -24.61 -20.98 -1.60
C SER B 109 -26.04 -21.04 -1.11
N GLN B 110 -26.31 -20.75 0.16
CA GLN B 110 -27.65 -20.94 0.72
C GLN B 110 -28.45 -19.65 0.85
N PHE B 111 -27.82 -18.51 1.09
CA PHE B 111 -28.57 -17.33 1.54
C PHE B 111 -28.36 -16.15 0.62
N ALA B 112 -29.33 -15.23 0.67
CA ALA B 112 -29.36 -14.05 -0.20
C ALA B 112 -29.19 -12.73 0.55
N SER B 113 -29.04 -12.75 1.87
CA SER B 113 -28.90 -11.52 2.64
C SER B 113 -28.31 -11.86 3.99
N VAL B 114 -27.74 -10.83 4.65
CA VAL B 114 -27.24 -11.02 6.00
C VAL B 114 -28.36 -11.40 6.95
N ASP B 115 -29.56 -10.84 6.74
CA ASP B 115 -30.72 -11.21 7.54
C ASP B 115 -30.94 -12.72 7.51
N GLU B 116 -30.83 -13.33 6.33
CA GLU B 116 -31.12 -14.76 6.21
C GLU B 116 -30.07 -15.60 6.92
N VAL B 117 -28.79 -15.31 6.68
N VAL B 117 -28.78 -15.32 6.68
CA VAL B 117 -27.74 -16.13 7.30
CA VAL B 117 -27.76 -16.16 7.32
C VAL B 117 -27.73 -15.93 8.81
C VAL B 117 -27.74 -15.94 8.83
N GLU B 118 -28.04 -14.72 9.28
CA GLU B 118 -28.06 -14.48 10.73
C GLU B 118 -29.17 -15.27 11.40
N ALA B 119 -30.34 -15.34 10.78
CA ALA B 119 -31.40 -16.21 11.30
C ALA B 119 -30.97 -17.67 11.30
N ALA B 120 -30.30 -18.11 10.22
CA ALA B 120 -29.90 -19.50 10.12
C ALA B 120 -28.76 -19.85 11.07
N LEU B 121 -27.95 -18.88 11.46
CA LEU B 121 -26.80 -19.17 12.32
C LEU B 121 -27.22 -19.58 13.72
N ALA B 122 -28.46 -19.30 14.12
CA ALA B 122 -28.91 -19.64 15.47
C ALA B 122 -28.85 -21.14 15.76
N ASP B 123 -28.85 -21.97 14.73
N ASP B 123 -28.85 -21.98 14.73
CA ASP B 123 -28.84 -23.42 14.87
CA ASP B 123 -28.82 -23.43 14.92
C ASP B 123 -27.53 -24.05 14.41
C ASP B 123 -27.52 -24.06 14.41
N VAL B 124 -26.51 -23.26 14.12
CA VAL B 124 -25.29 -23.73 13.48
C VAL B 124 -24.27 -24.19 14.51
N VAL B 125 -23.73 -25.38 14.30
CA VAL B 125 -22.51 -25.85 14.93
C VAL B 125 -21.46 -26.00 13.85
N ILE B 126 -20.30 -25.37 14.03
CA ILE B 126 -19.20 -25.54 13.10
C ILE B 126 -18.30 -26.65 13.62
N VAL B 127 -18.04 -27.63 12.77
CA VAL B 127 -17.40 -28.89 13.16
C VAL B 127 -16.01 -28.99 12.57
N ASP B 128 -15.05 -29.42 13.38
CA ASP B 128 -13.72 -29.78 12.90
C ASP B 128 -13.82 -31.11 12.15
N ARG B 129 -14.21 -31.02 10.88
CA ARG B 129 -14.26 -32.16 9.97
C ARG B 129 -13.37 -31.79 8.79
N PRO B 130 -12.10 -32.18 8.79
CA PRO B 130 -11.21 -31.81 7.69
C PRO B 130 -11.67 -32.36 6.36
N ILE B 131 -11.31 -31.66 5.29
CA ILE B 131 -11.67 -32.13 3.95
C ILE B 131 -10.97 -33.45 3.64
N ASN B 132 -9.72 -33.59 4.06
CA ASN B 132 -8.97 -34.83 3.88
C ASN B 132 -7.77 -34.80 4.83
N ASP B 133 -6.90 -35.80 4.72
CA ASP B 133 -5.73 -35.90 5.59
C ASP B 133 -4.71 -34.81 5.30
N LYS B 134 -4.69 -34.30 4.07
CA LYS B 134 -3.67 -33.32 3.69
C LYS B 134 -3.98 -31.92 4.23
N TYR B 135 -5.25 -31.60 4.45
CA TYR B 135 -5.65 -30.26 4.85
C TYR B 135 -6.45 -30.28 6.14
N PRO B 136 -5.82 -30.06 7.29
CA PRO B 136 -6.60 -29.89 8.53
C PRO B 136 -7.49 -28.66 8.43
N SER B 137 -8.50 -28.62 9.30
CA SER B 137 -9.42 -27.48 9.30
C SER B 137 -8.65 -26.20 9.58
N SER B 138 -8.73 -25.25 8.65
CA SER B 138 -8.14 -23.94 8.92
C SER B 138 -8.87 -23.27 10.08
N LEU B 139 -8.10 -22.65 10.96
CA LEU B 139 -8.65 -21.96 12.13
C LEU B 139 -8.95 -20.51 11.73
N LEU B 140 -10.24 -20.19 11.63
CA LEU B 140 -10.65 -18.93 11.00
C LEU B 140 -11.79 -18.30 11.77
N HIS B 141 -12.03 -17.02 11.46
CA HIS B 141 -13.28 -16.34 11.74
C HIS B 141 -13.69 -15.63 10.45
N TRP B 142 -14.96 -15.22 10.37
CA TRP B 142 -15.50 -14.77 9.10
C TRP B 142 -16.16 -13.39 9.22
N ILE B 143 -16.05 -12.61 8.16
CA ILE B 143 -16.88 -11.44 7.94
C ILE B 143 -17.85 -11.77 6.82
N ILE B 144 -19.13 -11.44 7.03
CA ILE B 144 -20.18 -11.69 6.05
C ILE B 144 -20.90 -10.38 5.81
N GLY B 145 -21.14 -10.05 4.55
CA GLY B 145 -21.75 -8.77 4.23
C GLY B 145 -22.63 -8.81 3.02
N ASP B 146 -23.67 -7.98 3.05
CA ASP B 146 -24.42 -7.61 1.85
C ASP B 146 -24.31 -6.09 1.69
N SER B 147 -25.07 -5.54 0.74
CA SER B 147 -25.02 -4.11 0.52
C SER B 147 -25.45 -3.32 1.75
N LYS B 148 -26.16 -3.94 2.69
CA LYS B 148 -26.73 -3.24 3.84
C LYS B 148 -25.77 -3.20 5.04
N ARG B 149 -25.15 -4.31 5.38
CA ARG B 149 -24.38 -4.37 6.62
C ARG B 149 -23.49 -5.60 6.62
N ALA B 150 -22.60 -5.65 7.62
CA ALA B 150 -21.68 -6.74 7.82
C ALA B 150 -21.86 -7.34 9.20
N ILE B 151 -21.65 -8.65 9.30
CA ILE B 151 -21.58 -9.32 10.58
C ILE B 151 -20.28 -10.11 10.63
N VAL B 152 -19.84 -10.41 11.84
CA VAL B 152 -18.63 -11.20 12.07
C VAL B 152 -19.05 -12.44 12.84
N VAL B 153 -18.58 -13.60 12.37
CA VAL B 153 -18.88 -14.88 13.00
C VAL B 153 -17.58 -15.42 13.58
N GLU B 154 -17.59 -15.70 14.88
CA GLU B 154 -16.44 -16.29 15.55
C GLU B 154 -16.93 -17.51 16.33
N TYR B 155 -16.30 -18.65 16.08
CA TYR B 155 -16.63 -19.90 16.75
C TYR B 155 -15.43 -20.25 17.62
N THR B 156 -15.59 -20.12 18.93
CA THR B 156 -14.51 -20.25 19.88
C THR B 156 -14.86 -21.31 20.92
N SER B 157 -14.08 -21.34 22.00
N SER B 157 -14.08 -21.34 22.00
CA SER B 157 -14.39 -22.25 23.09
CA SER B 157 -14.39 -22.25 23.10
C SER B 157 -15.71 -21.93 23.77
C SER B 157 -15.70 -21.92 23.79
N ASP B 158 -16.22 -20.72 23.58
CA ASP B 158 -17.53 -20.32 24.10
C ASP B 158 -18.65 -20.56 23.08
N GLY B 159 -18.35 -21.20 21.94
CA GLY B 159 -19.36 -21.46 20.94
C GLY B 159 -19.44 -20.38 19.89
N LEU B 160 -20.62 -20.23 19.28
CA LEU B 160 -20.79 -19.32 18.16
C LEU B 160 -21.21 -17.94 18.64
N HIS B 161 -20.50 -16.92 18.18
CA HIS B 161 -20.86 -15.53 18.44
C HIS B 161 -20.99 -14.79 17.11
N VAL B 162 -22.04 -13.98 17.01
CA VAL B 162 -22.31 -13.14 15.84
C VAL B 162 -22.29 -11.70 16.31
N PHE B 163 -21.50 -10.86 15.63
CA PHE B 163 -21.33 -9.47 16.01
C PHE B 163 -21.84 -8.56 14.90
N ASP B 164 -22.47 -7.46 15.30
CA ASP B 164 -22.76 -6.38 14.38
C ASP B 164 -21.47 -5.63 14.07
N ASP B 165 -20.94 -5.81 12.85
CA ASP B 165 -19.67 -5.17 12.48
C ASP B 165 -19.95 -3.77 11.93
N ASP B 166 -20.16 -2.84 12.86
CA ASP B 166 -20.52 -1.47 12.48
C ASP B 166 -19.33 -0.63 12.03
N VAL B 167 -18.12 -1.18 12.02
CA VAL B 167 -16.98 -0.55 11.37
C VAL B 167 -16.60 -1.24 10.08
N ASP B 168 -17.29 -2.33 9.73
CA ASP B 168 -17.19 -2.93 8.41
C ASP B 168 -15.78 -3.43 8.09
N VAL B 169 -15.00 -3.80 9.12
CA VAL B 169 -13.67 -4.35 8.90
C VAL B 169 -13.47 -5.56 9.81
N LEU B 170 -12.48 -6.37 9.44
CA LEU B 170 -12.07 -7.49 10.27
C LEU B 170 -10.59 -7.73 10.03
N ALA B 171 -9.91 -8.19 11.09
CA ALA B 171 -8.50 -8.53 10.99
C ALA B 171 -8.29 -9.96 11.50
N ASN B 172 -7.31 -10.16 12.37
CA ASN B 172 -7.10 -11.48 12.94
C ASN B 172 -7.37 -11.43 14.44
N GLN B 173 -6.56 -12.11 15.24
CA GLN B 173 -6.78 -12.20 16.68
C GLN B 173 -6.62 -10.83 17.35
N PRO B 174 -7.22 -10.64 18.53
CA PRO B 174 -8.13 -11.53 19.26
C PRO B 174 -9.57 -11.35 18.79
N GLY B 175 -10.55 -11.54 19.67
CA GLY B 175 -11.94 -11.55 19.25
C GLY B 175 -12.46 -10.16 18.91
N PHE B 176 -13.59 -10.15 18.22
CA PHE B 176 -14.13 -8.90 17.67
C PHE B 176 -14.51 -7.92 18.78
N GLY B 177 -15.06 -8.43 19.88
CA GLY B 177 -15.41 -7.54 20.98
C GLY B 177 -14.21 -6.81 21.54
N TRP B 178 -13.05 -7.49 21.59
CA TRP B 178 -11.83 -6.82 22.02
C TRP B 178 -11.45 -5.69 21.06
N HIS B 179 -11.40 -5.99 19.75
CA HIS B 179 -11.06 -4.97 18.78
C HIS B 179 -12.01 -3.79 18.82
N HIS B 180 -13.32 -4.07 18.94
CA HIS B 180 -14.31 -3.00 18.92
C HIS B 180 -14.12 -2.05 20.11
N GLU B 181 -13.87 -2.60 21.29
CA GLU B 181 -13.54 -1.78 22.44
C GLU B 181 -12.24 -1.02 22.23
N ASN B 182 -11.26 -1.65 21.56
CA ASN B 182 -9.97 -1.02 21.33
C ASN B 182 -10.10 0.22 20.46
N LEU B 183 -11.14 0.30 19.63
CA LEU B 183 -11.36 1.49 18.81
C LEU B 183 -11.47 2.75 19.65
N ARG B 184 -11.97 2.61 20.88
CA ARG B 184 -12.14 3.75 21.77
C ARG B 184 -10.82 4.30 22.31
N ASN B 185 -9.69 3.69 21.94
CA ASN B 185 -8.36 4.20 22.28
C ASN B 185 -7.81 5.15 21.23
N TYR B 186 -8.60 5.49 20.20
CA TYR B 186 -8.10 6.29 19.09
C TYR B 186 -9.10 7.37 18.72
N LEU B 187 -9.76 7.93 19.74
CA LEU B 187 -10.85 8.89 19.51
C LEU B 187 -10.35 10.25 19.01
N ASN B 188 -9.06 10.55 19.13
CA ASN B 188 -8.53 11.82 18.65
C ASN B 188 -7.88 11.70 17.29
N ALA B 189 -8.01 10.56 16.61
CA ALA B 189 -7.47 10.41 15.28
C ALA B 189 -8.45 11.02 14.27
N SER B 190 -7.96 11.94 13.44
CA SER B 190 -8.82 12.66 12.52
C SER B 190 -8.06 13.05 11.27
N PRO B 191 -8.71 13.04 10.10
CA PRO B 191 -8.06 13.57 8.89
C PRO B 191 -8.00 15.08 8.83
N ASP B 192 -8.65 15.78 9.76
CA ASP B 192 -8.79 17.22 9.69
C ASP B 192 -7.44 17.93 9.71
N PHE B 193 -7.38 19.06 9.02
CA PHE B 193 -6.20 19.92 9.00
C PHE B 193 -6.41 21.06 9.96
N PRO B 194 -5.65 21.14 11.07
CA PRO B 194 -5.75 22.31 11.96
C PRO B 194 -4.86 23.45 11.48
N GLU B 195 -5.38 24.67 11.39
CA GLU B 195 -4.55 25.76 10.87
C GLU B 195 -3.42 26.11 11.83
N LYS B 196 -3.72 26.20 13.13
CA LYS B 196 -2.69 26.53 14.12
C LYS B 196 -3.20 26.14 15.50
N ILE B 197 -2.29 25.63 16.33
CA ILE B 197 -2.58 25.27 17.70
C ILE B 197 -1.59 26.02 18.59
N VAL B 198 -2.09 26.69 19.61
CA VAL B 198 -1.25 27.41 20.57
C VAL B 198 -1.06 26.52 21.79
N LEU B 199 0.18 26.06 22.01
CA LEU B 199 0.54 25.28 23.18
C LEU B 199 1.36 26.18 24.10
N ASN B 200 0.78 26.55 25.24
CA ASN B 200 1.36 27.55 26.12
C ASN B 200 1.45 28.87 25.35
N ARG B 201 2.65 29.22 24.88
CA ARG B 201 2.80 30.39 24.02
C ARG B 201 3.42 30.04 22.68
N ALA B 202 3.56 28.74 22.38
CA ALA B 202 4.12 28.30 21.11
C ALA B 202 3.02 28.22 20.07
N ASP B 203 3.26 28.82 18.91
CA ASP B 203 2.36 28.74 17.77
C ASP B 203 2.75 27.50 16.96
N LEU B 204 1.91 26.46 17.03
CA LEU B 204 2.22 25.19 16.39
C LEU B 204 1.36 25.02 15.15
N VAL B 205 2.01 24.88 14.00
N VAL B 205 2.02 24.86 14.01
CA VAL B 205 1.35 24.67 12.72
CA VAL B 205 1.36 24.67 12.72
C VAL B 205 1.78 23.30 12.21
C VAL B 205 1.78 23.30 12.20
N PRO B 206 0.90 22.53 11.56
CA PRO B 206 1.31 21.22 11.05
C PRO B 206 2.39 21.34 9.99
N PHE B 207 3.28 20.32 9.96
CA PHE B 207 4.20 20.20 8.84
C PHE B 207 3.45 20.04 7.53
N GLY B 208 2.27 19.42 7.59
CA GLY B 208 1.51 19.08 6.39
C GLY B 208 0.31 18.26 6.80
N SER B 209 -0.20 17.48 5.85
CA SER B 209 -1.38 16.68 6.13
C SER B 209 -1.07 15.59 7.14
N GLY B 210 -2.10 15.18 7.88
CA GLY B 210 -2.01 14.04 8.77
C GLY B 210 -1.65 14.34 10.21
N SER B 211 -1.61 15.62 10.61
CA SER B 211 -1.18 15.99 11.95
C SER B 211 -2.12 15.46 13.03
N LEU B 212 -3.41 15.33 12.72
CA LEU B 212 -4.38 14.82 13.68
C LEU B 212 -4.67 13.34 13.49
N MET B 213 -4.02 12.70 12.53
CA MET B 213 -4.08 11.26 12.37
C MET B 213 -3.03 10.55 13.22
N ARG B 214 -2.16 11.30 13.88
CA ARG B 214 -1.15 10.73 14.77
C ARG B 214 -1.80 9.86 15.83
N GLY B 215 -1.18 8.72 16.10
CA GLY B 215 -1.71 7.70 16.98
C GLY B 215 -2.18 6.46 16.26
N ILE B 216 -2.63 6.60 15.01
CA ILE B 216 -2.98 5.44 14.21
C ILE B 216 -1.73 4.59 14.04
N PRO B 217 -1.74 3.32 14.47
CA PRO B 217 -0.52 2.52 14.42
C PRO B 217 -0.23 1.99 13.02
N GLY B 218 1.07 1.89 12.71
CA GLY B 218 1.52 1.45 11.41
C GLY B 218 2.14 0.06 11.37
N ASP B 219 2.14 -0.64 12.50
CA ASP B 219 2.74 -1.95 12.57
C ASP B 219 1.79 -3.02 12.04
N TYR B 220 2.31 -4.24 11.87
CA TYR B 220 1.57 -5.34 11.27
C TYR B 220 0.75 -6.14 12.27
N TYR B 221 0.84 -5.82 13.56
CA TYR B 221 0.09 -6.55 14.59
C TYR B 221 -1.40 -6.48 14.29
N SER B 222 -2.09 -7.61 14.48
CA SER B 222 -3.50 -7.70 14.12
C SER B 222 -4.36 -6.60 14.75
N PRO B 223 -4.27 -6.31 16.05
CA PRO B 223 -5.07 -5.18 16.57
C PRO B 223 -4.72 -3.85 15.92
N SER B 224 -3.46 -3.65 15.54
CA SER B 224 -3.07 -2.40 14.89
C SER B 224 -3.71 -2.30 13.52
N ARG B 225 -3.71 -3.39 12.75
CA ARG B 225 -4.34 -3.38 11.44
C ARG B 225 -5.85 -3.16 11.55
N PHE B 226 -6.49 -3.75 12.56
CA PHE B 226 -7.91 -3.49 12.77
C PHE B 226 -8.17 -2.00 12.93
N VAL B 227 -7.41 -1.35 13.81
CA VAL B 227 -7.59 0.09 14.05
C VAL B 227 -7.27 0.88 12.78
N ARG B 228 -6.15 0.57 12.14
CA ARG B 228 -5.75 1.29 10.94
C ARG B 228 -6.75 1.10 9.81
N ALA B 229 -7.21 -0.13 9.61
CA ALA B 229 -8.25 -0.37 8.61
C ALA B 229 -9.55 0.34 8.97
N ALA B 230 -9.96 0.28 10.24
CA ALA B 230 -11.19 0.93 10.64
C ALA B 230 -11.16 2.42 10.32
N TYR B 231 -10.03 3.08 10.60
CA TYR B 231 -9.90 4.50 10.32
C TYR B 231 -9.96 4.77 8.82
N VAL B 232 -9.10 4.11 8.04
CA VAL B 232 -9.04 4.37 6.60
C VAL B 232 -10.38 4.07 5.95
N HIS B 233 -10.99 2.93 6.31
CA HIS B 233 -12.26 2.53 5.71
C HIS B 233 -13.38 3.48 6.07
N ALA B 234 -13.41 3.97 7.31
CA ALA B 234 -14.47 4.87 7.73
C ALA B 234 -14.37 6.22 7.01
N HIS B 235 -13.16 6.66 6.71
CA HIS B 235 -12.95 8.00 6.16
C HIS B 235 -12.87 8.03 4.64
N TYR B 236 -12.81 6.88 3.98
CA TYR B 236 -12.78 6.85 2.52
C TYR B 236 -14.12 7.36 1.99
N PRO B 237 -14.13 8.38 1.13
CA PRO B 237 -15.41 8.90 0.64
C PRO B 237 -16.14 7.90 -0.22
N GLY B 238 -17.46 7.82 -0.04
CA GLY B 238 -18.25 6.88 -0.82
C GLY B 238 -18.17 7.21 -2.30
N LYS B 239 -18.14 6.16 -3.12
CA LYS B 239 -18.03 6.28 -4.57
C LYS B 239 -19.23 5.61 -5.23
N SER B 240 -19.54 6.04 -6.45
CA SER B 240 -20.73 5.56 -7.15
C SER B 240 -20.44 4.82 -8.45
N THR B 241 -19.18 4.67 -8.83
CA THR B 241 -18.83 3.94 -10.05
C THR B 241 -18.10 2.66 -9.70
N GLU B 242 -18.18 1.68 -10.61
CA GLU B 242 -17.47 0.43 -10.39
C GLU B 242 -15.96 0.67 -10.34
N GLU B 243 -15.44 1.52 -11.24
N GLU B 243 -15.46 1.53 -11.22
CA GLU B 243 -14.01 1.76 -11.29
CA GLU B 243 -14.01 1.77 -11.30
C GLU B 243 -13.48 2.36 -9.99
C GLU B 243 -13.49 2.35 -10.00
N GLU B 244 -14.18 3.37 -9.46
CA GLU B 244 -13.71 4.00 -8.22
C GLU B 244 -13.88 3.08 -7.02
N ASN B 245 -14.90 2.23 -7.03
CA ASN B 245 -15.09 1.32 -5.90
C ASN B 245 -14.11 0.16 -5.94
N VAL B 246 -13.70 -0.27 -7.14
CA VAL B 246 -12.60 -1.22 -7.22
C VAL B 246 -11.32 -0.58 -6.70
N SER B 247 -11.03 0.64 -7.13
N SER B 247 -11.03 0.65 -7.12
CA SER B 247 -9.84 1.35 -6.67
CA SER B 247 -9.83 1.34 -6.66
C SER B 247 -9.88 1.54 -5.16
C SER B 247 -9.87 1.59 -5.17
N ARG B 248 -11.06 1.80 -4.60
CA ARG B 248 -11.18 1.98 -3.16
C ARG B 248 -10.76 0.72 -2.41
N ALA B 249 -11.11 -0.46 -2.92
CA ALA B 249 -10.78 -1.70 -2.24
C ALA B 249 -9.27 -1.91 -2.16
N PHE B 250 -8.58 -1.72 -3.28
CA PHE B 250 -7.16 -2.05 -3.30
C PHE B 250 -6.33 -0.99 -2.57
N HIS B 251 -6.72 0.28 -2.67
CA HIS B 251 -6.04 1.32 -1.90
C HIS B 251 -6.24 1.12 -0.41
N THR B 252 -7.47 0.80 0.02
CA THR B 252 -7.74 0.64 1.44
C THR B 252 -6.95 -0.53 2.01
N LEU B 253 -6.90 -1.65 1.28
CA LEU B 253 -6.21 -2.82 1.76
C LEU B 253 -4.69 -2.71 1.63
N GLN B 254 -4.20 -1.89 0.69
CA GLN B 254 -2.76 -1.63 0.64
C GLN B 254 -2.30 -0.87 1.87
N GLN B 255 -3.21 -0.12 2.51
CA GLN B 255 -2.89 0.59 3.72
C GLN B 255 -2.61 -0.34 4.90
N VAL B 256 -3.11 -1.56 4.87
CA VAL B 256 -2.88 -2.53 5.95
C VAL B 256 -2.16 -3.77 5.45
N ALA B 257 -1.58 -3.72 4.26
CA ALA B 257 -0.90 -4.88 3.70
C ALA B 257 0.44 -5.10 4.38
N MET B 258 0.99 -6.31 4.19
CA MET B 258 2.30 -6.63 4.72
C MET B 258 3.27 -6.92 3.58
N VAL B 259 4.47 -6.38 3.70
CA VAL B 259 5.49 -6.54 2.66
C VAL B 259 6.70 -7.21 3.28
N ASP B 260 7.56 -7.73 2.39
CA ASP B 260 8.67 -8.59 2.79
C ASP B 260 9.56 -7.90 3.82
N GLY B 261 9.95 -8.67 4.85
CA GLY B 261 10.95 -8.24 5.79
C GLY B 261 10.44 -7.56 7.05
N SER B 262 9.19 -7.09 7.06
CA SER B 262 8.77 -6.20 8.13
C SER B 262 8.21 -6.91 9.36
N ALA B 263 7.71 -8.14 9.23
CA ALA B 263 7.22 -8.85 10.40
C ALA B 263 7.37 -10.35 10.19
N ALA B 264 8.16 -10.99 11.04
CA ALA B 264 8.44 -12.41 10.91
C ALA B 264 7.45 -13.24 11.74
N MET B 265 7.21 -14.45 11.29
CA MET B 265 6.48 -15.43 12.07
C MET B 265 7.45 -16.18 12.96
N GLY B 266 6.92 -17.12 13.77
CA GLY B 266 7.79 -17.92 14.62
C GLY B 266 8.84 -18.67 13.85
N SER B 267 8.52 -19.09 12.62
CA SER B 267 9.47 -19.80 11.77
C SER B 267 10.61 -18.91 11.28
N GLY B 268 10.53 -17.60 11.47
CA GLY B 268 11.48 -16.68 10.91
C GLY B 268 11.12 -16.17 9.53
N GLU B 269 10.18 -16.82 8.85
CA GLU B 269 9.73 -16.35 7.55
C GLU B 269 8.81 -15.14 7.72
N PHE B 270 8.86 -14.24 6.74
CA PHE B 270 8.13 -12.98 6.81
C PHE B 270 6.72 -13.15 6.28
N GLU B 271 5.76 -12.58 7.01
CA GLU B 271 4.37 -12.63 6.58
C GLU B 271 4.12 -11.51 5.58
N LYS B 272 3.48 -11.85 4.46
CA LYS B 272 3.25 -10.91 3.37
C LYS B 272 1.82 -11.04 2.89
N THR B 273 1.33 -9.96 2.27
CA THR B 273 0.03 -9.99 1.61
C THR B 273 0.20 -10.72 0.28
N THR B 274 -0.16 -12.00 0.26
CA THR B 274 0.08 -12.80 -0.93
C THR B 274 -0.91 -12.49 -2.05
N TYR B 275 -2.15 -12.15 -1.70
CA TYR B 275 -3.08 -11.64 -2.69
C TYR B 275 -4.10 -10.73 -2.01
N THR B 276 -4.76 -9.93 -2.84
CA THR B 276 -5.84 -9.05 -2.41
C THR B 276 -6.99 -9.27 -3.36
N GLY B 277 -8.14 -9.69 -2.83
CA GLY B 277 -9.28 -10.03 -3.65
C GLY B 277 -10.49 -9.19 -3.28
N LEU B 278 -11.34 -8.94 -4.28
CA LEU B 278 -12.54 -8.13 -4.10
C LEU B 278 -13.70 -8.75 -4.86
N PHE B 279 -14.83 -8.94 -4.18
CA PHE B 279 -16.07 -9.35 -4.83
C PHE B 279 -16.96 -8.14 -5.03
N SER B 280 -17.49 -8.00 -6.25
CA SER B 280 -18.39 -6.90 -6.59
C SER B 280 -19.71 -7.47 -7.09
N SER B 281 -20.79 -7.21 -6.34
CA SER B 281 -22.10 -7.70 -6.76
C SER B 281 -22.65 -6.90 -7.94
N ARG B 282 -22.23 -5.64 -8.09
CA ARG B 282 -22.71 -4.82 -9.20
C ARG B 282 -22.41 -5.48 -10.54
N THR B 283 -21.19 -5.98 -10.71
CA THR B 283 -20.77 -6.63 -11.94
C THR B 283 -20.61 -8.14 -11.80
N MET B 284 -20.96 -8.71 -10.64
CA MET B 284 -20.78 -10.14 -10.39
C MET B 284 -19.39 -10.59 -10.81
N THR B 285 -18.39 -9.84 -10.35
CA THR B 285 -17.01 -10.04 -10.77
C THR B 285 -16.12 -10.14 -9.54
N TYR B 286 -15.16 -11.05 -9.60
CA TYR B 286 -14.10 -11.15 -8.60
C TYR B 286 -12.83 -10.54 -9.17
N TYR B 287 -12.30 -9.53 -8.49
CA TYR B 287 -11.06 -8.87 -8.86
C TYR B 287 -9.96 -9.26 -7.89
N TRP B 288 -8.72 -9.27 -8.37
CA TRP B 288 -7.61 -9.53 -7.46
C TRP B 288 -6.30 -9.03 -8.04
N ASN B 289 -5.32 -8.87 -7.15
CA ASN B 289 -3.91 -8.75 -7.54
C ASN B 289 -3.10 -9.57 -6.54
N THR B 290 -1.78 -9.59 -6.74
CA THR B 290 -0.90 -10.46 -5.98
C THR B 290 0.32 -9.68 -5.52
N TYR B 291 1.08 -10.29 -4.60
CA TYR B 291 2.34 -9.67 -4.19
C TYR B 291 3.26 -9.45 -5.38
N GLU B 292 3.23 -10.37 -6.34
CA GLU B 292 4.15 -10.30 -7.48
C GLU B 292 3.68 -9.35 -8.57
N ASP B 293 2.40 -8.98 -8.59
CA ASP B 293 1.88 -8.14 -9.65
C ASP B 293 0.70 -7.31 -9.15
N PRO B 294 0.85 -5.99 -9.05
CA PRO B 294 -0.25 -5.15 -8.55
C PRO B 294 -1.37 -4.93 -9.55
N ALA B 295 -1.18 -5.25 -10.83
CA ALA B 295 -2.25 -5.09 -11.81
C ALA B 295 -3.46 -5.90 -11.39
N VAL B 296 -4.64 -5.28 -11.47
CA VAL B 296 -5.87 -5.94 -11.08
C VAL B 296 -6.35 -6.86 -12.20
N ARG B 297 -6.54 -8.12 -11.88
CA ARG B 297 -7.16 -9.09 -12.76
C ARG B 297 -8.59 -9.34 -12.31
N SER B 298 -9.39 -9.92 -13.19
CA SER B 298 -10.80 -10.11 -12.86
C SER B 298 -11.37 -11.31 -13.58
N VAL B 299 -12.38 -11.93 -12.96
CA VAL B 299 -13.17 -12.99 -13.53
C VAL B 299 -14.63 -12.62 -13.33
N ALA B 300 -15.37 -12.50 -14.44
CA ALA B 300 -16.80 -12.25 -14.38
C ALA B 300 -17.54 -13.58 -14.34
N MET B 301 -18.53 -13.69 -13.45
CA MET B 301 -19.34 -14.90 -13.39
C MET B 301 -20.12 -15.12 -14.68
N ALA B 302 -20.47 -14.03 -15.38
CA ALA B 302 -21.24 -14.16 -16.62
C ALA B 302 -20.45 -14.87 -17.71
N ASP B 303 -19.12 -14.92 -17.61
CA ASP B 303 -18.31 -15.63 -18.59
C ASP B 303 -18.28 -17.12 -18.35
N HIS B 304 -18.95 -17.61 -17.31
CA HIS B 304 -19.03 -19.03 -17.03
C HIS B 304 -20.47 -19.42 -16.80
N ALA B 305 -20.74 -20.72 -16.87
CA ALA B 305 -22.09 -21.25 -16.72
C ALA B 305 -22.41 -21.30 -15.24
N ALA B 306 -23.06 -20.24 -14.75
CA ALA B 306 -23.44 -20.18 -13.34
C ALA B 306 -24.48 -21.24 -13.00
N ASP B 307 -25.12 -21.84 -14.00
CA ASP B 307 -26.03 -22.95 -13.78
C ASP B 307 -25.46 -24.27 -14.31
N GLY B 308 -24.15 -24.34 -14.54
CA GLY B 308 -23.51 -25.58 -14.91
C GLY B 308 -23.51 -26.58 -13.77
N THR B 309 -22.89 -27.73 -14.02
CA THR B 309 -22.89 -28.82 -13.06
C THR B 309 -21.53 -29.13 -12.47
N GLU B 310 -20.48 -28.43 -12.88
CA GLU B 310 -19.13 -28.73 -12.42
C GLU B 310 -18.49 -27.49 -11.83
N LEU B 311 -17.69 -27.68 -10.78
CA LEU B 311 -16.83 -26.61 -10.32
C LEU B 311 -15.95 -26.14 -11.47
N VAL B 312 -15.76 -24.83 -11.56
CA VAL B 312 -14.89 -24.23 -12.57
C VAL B 312 -13.71 -23.58 -11.86
N VAL B 313 -12.51 -24.07 -12.13
CA VAL B 313 -11.28 -23.46 -11.64
C VAL B 313 -10.75 -22.61 -12.78
N VAL B 314 -10.77 -21.29 -12.61
CA VAL B 314 -10.46 -20.39 -13.71
C VAL B 314 -8.94 -20.26 -13.85
N LEU B 315 -8.50 -20.31 -15.11
CA LEU B 315 -7.11 -20.05 -15.46
C LEU B 315 -7.07 -18.94 -16.51
N GLU B 316 -5.90 -18.33 -16.65
CA GLU B 316 -5.67 -17.26 -17.62
C GLU B 316 -6.65 -16.11 -17.42
MG MG C . -2.39 11.23 -13.01
C1 EDO D . 20.64 -9.19 -3.57
O1 EDO D . 20.60 -7.87 -3.00
C2 EDO D . 21.91 -9.90 -3.10
O2 EDO D . 21.78 -10.24 -1.72
MG MG E . 31.90 26.93 -10.30
C1 EDO F . 13.87 30.18 -19.96
O1 EDO F . 13.98 29.61 -21.26
C2 EDO F . 12.51 30.84 -19.81
O2 EDO F . 12.44 31.50 -18.55
C TRS G . 28.31 40.39 -12.71
C1 TRS G . 29.26 39.32 -13.26
C2 TRS G . 27.45 40.93 -13.84
C3 TRS G . 29.10 41.50 -12.05
N TRS G . 27.45 39.76 -11.69
O1 TRS G . 30.04 39.88 -14.28
O2 TRS G . 26.67 42.00 -13.37
O3 TRS G . 29.86 40.95 -10.98
C1 EDO H . 4.12 17.86 2.21
O1 EDO H . 3.68 19.22 2.39
C2 EDO H . 3.66 16.98 3.36
O2 EDO H . 4.29 17.34 4.60
C1 PEG I . 25.39 10.44 9.80
O1 PEG I . 24.50 9.63 10.55
C2 PEG I . 24.94 10.57 8.37
O2 PEG I . 23.70 11.26 8.31
C3 PEG I . 23.70 12.49 9.04
C4 PEG I . 22.49 13.29 8.68
O4 PEG I . 21.88 13.84 9.84
C1 PEG J . 17.84 33.62 -19.27
O1 PEG J . 17.11 32.40 -19.33
C2 PEG J . 19.19 33.40 -18.67
O2 PEG J . 19.23 33.90 -17.34
C3 PEG J . 20.18 34.93 -17.18
C4 PEG J . 20.46 35.16 -15.72
O4 PEG J . 20.08 36.47 -15.32
C1 PEG K . 8.58 18.25 -8.00
O1 PEG K . 8.14 19.54 -8.42
C2 PEG K . 7.46 17.44 -7.43
O2 PEG K . 6.76 18.22 -6.47
C3 PEG K . 6.46 17.49 -5.28
C4 PEG K . 5.02 17.69 -4.91
O4 PEG K . 4.84 18.90 -4.19
C1 EDO L . 5.02 27.26 -5.61
O1 EDO L . 4.80 27.25 -4.19
C2 EDO L . 4.31 26.08 -6.25
O2 EDO L . 4.45 26.13 -7.67
MG MG M . 1.39 17.36 3.28
C1 EDO N . 25.41 -0.46 -1.57
O1 EDO N . 25.49 -0.81 -2.95
C2 EDO N . 24.03 -0.81 -1.02
O2 EDO N . 23.03 -0.14 -1.79
C1 EDO O . 22.87 -8.02 -15.31
O1 EDO O . 24.07 -8.74 -15.62
C2 EDO O . 23.23 -6.74 -14.56
O2 EDO O . 23.77 -7.06 -13.27
C1 EDO P . 9.86 17.43 -30.95
O1 EDO P . 10.67 17.60 -32.12
C2 EDO P . 9.09 18.71 -30.64
O2 EDO P . 8.57 18.67 -29.31
MG MG Q . 0.43 -16.04 -5.01
C1 GOL R . -26.73 -17.08 -17.49
O1 GOL R . -27.98 -17.60 -17.11
C2 GOL R . -25.74 -17.48 -16.37
O2 GOL R . -25.74 -18.84 -16.14
C3 GOL R . -24.35 -16.95 -16.84
O3 GOL R . -23.46 -17.09 -15.76
C1 GOL S . -12.43 20.74 9.49
O1 GOL S . -12.08 21.11 8.20
C2 GOL S . -11.77 21.76 10.45
O2 GOL S . -12.39 21.79 11.69
C3 GOL S . -10.28 21.32 10.54
O3 GOL S . -9.86 21.52 11.85
C1 PEG T . -14.00 -8.28 24.93
O1 PEG T . -14.58 -7.00 25.04
C2 PEG T . -12.56 -8.26 25.35
O2 PEG T . -12.38 -9.09 26.50
C3 PEG T . -11.22 -9.91 26.40
C4 PEG T . -11.42 -11.16 27.20
O4 PEG T . -10.19 -11.75 27.58
C1 EDO U . -24.04 -34.52 19.93
O1 EDO U . -25.37 -35.01 19.70
C2 EDO U . -23.01 -35.64 19.78
O2 EDO U . -23.30 -36.69 20.71
C1 GOL V . -11.68 -34.25 14.39
O1 GOL V . -11.39 -34.18 15.76
C2 GOL V . -10.45 -34.90 13.71
O2 GOL V . -10.76 -35.37 12.43
C3 GOL V . -9.38 -33.80 13.70
O3 GOL V . -8.22 -34.37 13.16
C1 GOL W . -23.42 2.26 4.30
O1 GOL W . -23.04 2.44 5.63
C2 GOL W . -23.90 0.81 4.17
O2 GOL W . -23.26 0.14 3.15
C3 GOL W . -25.43 0.90 3.96
O3 GOL W . -25.71 0.37 2.69
C1 PEG X . -12.06 9.42 -7.18
O1 PEG X . -13.18 10.13 -6.69
C2 PEG X . -12.11 7.98 -6.77
O2 PEG X . -10.80 7.42 -6.86
C3 PEG X . -10.74 6.32 -7.75
C4 PEG X . -9.34 6.19 -8.25
O4 PEG X . -9.25 5.21 -9.27
#